data_6GDG
#
_entry.id   6GDG
#
_cell.length_a   1.000
_cell.length_b   1.000
_cell.length_c   1.000
_cell.angle_alpha   90.00
_cell.angle_beta   90.00
_cell.angle_gamma   90.00
#
_symmetry.space_group_name_H-M   'P 1'
#
loop_
_entity.id
_entity.type
_entity.pdbx_description
1 polymer 'TrxA,Adenosine receptor A2a'
2 polymer 'Guanine nucleotide-binding protein G(I)/G(S)/G(T) subunit beta-1'
3 polymer 'Guanine nucleotide-binding protein G(I)/G(S)/G(O) subunit gamma-2'
4 polymer 'Guanine nucleotide-binding protein G(s) subunit alpha isoforms short,Guanine nucleotide-binding protein G(s) subunit alpha isoforms short'
5 polymer 'nanobody Nb35'
6 non-polymer "N-ETHYL-5'-CARBOXAMIDO ADENOSINE"
#
loop_
_entity_poly.entity_id
_entity_poly.type
_entity_poly.pdbx_seq_one_letter_code
_entity_poly.pdbx_strand_id
1 'polypeptide(L)'
;MLLVNQSHQGFNKEHTSKMVSAIVLYVLLAAAAHSAFAAHHHHHHHHHHENLYFQGSDKIIHLTDDSFDTDVLKADGAIL
VDFWAEWSGPSKMIAPILDEIADEYQGKLTVAKLNIDQNPGTAPKYGIRGIPTLLLFANGEVAATKVGALSKGQLKEFLD
ANLAEAAAKAVYITVELAIAVLAILGNVLVCWAVWLNSNLQNVTNYFVVSLAAADIAVGVLAIPFAITISTGFCAACHGC
LFIACFVLVLTQSSIFSLLAIAIDRYIAIRIPLRYNGLVTGTRAKGIIAICWVLSFAIGLTPMLGWNNCGQPKEGKAHSQ
GCGEGQVACLFEDVVPMNYMVYFNFFACVLVPLLLMLGVYLRIFLAARRQLKQMESQPLPGERARSTLQKEVHAAKSLAI
IVGLFALCWLPLHIINCFTFFCPDCSHAPLWLMYLAIVLSHTNSVVNPFIYAYRIREFRQTFRKIIRSHVLRQQEPFKA
;
A
2 'polypeptide(L)'
;SELDQLRQEAEQLKNQIRDARKACADATLSQITNNIDPVGRIQMRTRRTLRGHLAKIYAMHWGTDSRLLVSASQDGKLII
WDSYTTNKVHAIPLRSSWVMTCAYAPSGNYVACGGLDNICSIYNLKTREGNVRVSRELAGHTGYLSCCRFLDDNQIVTSS
GDTTCALWDIETGQQTTTFTGHTGDVMSLSLAPDTRLFVSGACDASAKLWDVREGMCRQTFTGHESDINAICFFPNGNAF
ATGSDDATCRLFDLRADQELMTYSHDNIICGITSVSFSKSGRLLLAGYDDFNCNVWDALKADRAGVLAGHDNRVSCLGVT
DDGMAVATGSWDSFLKIWN
;
B
3 'polypeptide(L)' MASNNTASIAQARKLVEQLKMEANIDRIKVSKAAADLMAYCEAHAKEDPLLTPVPASENPFREKKFFSAIL C
4 'polypeptide(L)'
;NSKTEDQRNEEKAQREANKKIEKQLQKDKQVYRATHRLLLLGADNSGKSTIVKQMRILHGGSGGSGGTSGIFETKFQVDK
VNFHMFDVGGQRDERRKWIQCFNDVTAIIFVVDSSDYNRLQEALNLFKSIWNNRWLRTISVILFLNKQDLLAEKVLAGKS
KIEDYFPEFARYTTPEDATPEPGEDPRVTRAKYFIRDEFLRISTASGDGRHYCYPHFTCAVDTENARRIFNDCRDIIQRM
HLRQYELL
;
D
5 'polypeptide(L)'
;MKYLLPTAAAGLLLLAAQPAMAQVQLQESGGGLVQPGGSLRLSCAASGFTFSNYKMNWVRQAPGKGLEWVSDISQSGASI
SYTGSVKGRFTISRDNAKNTLYLQMNSLKPEDTAVYYCARCPAPFTRDCFDVTSTTYAYRGQGTQVTVSSHHHHHH
;
E
#
# COMPACT_ATOMS: atom_id res chain seq x y z
N ALA A 170 -7.84 41.95 -35.74
CA ALA A 170 -7.87 40.96 -36.86
C ALA A 170 -8.18 39.54 -36.36
N VAL A 171 -8.12 38.55 -37.25
CA VAL A 171 -8.31 37.14 -36.89
C VAL A 171 -7.32 36.62 -35.84
N TYR A 172 -6.10 37.19 -35.82
CA TYR A 172 -5.10 36.88 -34.81
C TYR A 172 -5.52 37.28 -33.39
N ILE A 173 -6.18 38.43 -33.26
CA ILE A 173 -6.55 38.99 -31.96
C ILE A 173 -7.64 38.15 -31.31
N THR A 174 -8.64 37.74 -32.10
CA THR A 174 -9.69 36.84 -31.64
C THR A 174 -9.18 35.42 -31.36
N VAL A 175 -8.28 34.93 -32.23
CA VAL A 175 -7.69 33.60 -32.08
C VAL A 175 -6.72 33.49 -30.90
N GLU A 176 -5.93 34.54 -30.67
CA GLU A 176 -4.97 34.56 -29.57
C GLU A 176 -5.65 34.66 -28.20
N LEU A 177 -6.60 35.58 -28.08
CA LEU A 177 -7.40 35.71 -26.84
C LEU A 177 -8.22 34.47 -26.50
N ALA A 178 -8.62 33.71 -27.54
CA ALA A 178 -9.20 32.37 -27.35
C ALA A 178 -8.15 31.38 -26.88
N ILE A 179 -6.95 31.44 -27.48
CA ILE A 179 -5.80 30.65 -27.06
C ILE A 179 -5.32 30.97 -25.63
N ALA A 180 -5.49 32.23 -25.22
CA ALA A 180 -5.21 32.65 -23.84
C ALA A 180 -6.15 31.95 -22.86
N VAL A 181 -7.46 32.12 -23.08
CA VAL A 181 -8.50 31.52 -22.24
C VAL A 181 -8.43 29.99 -22.18
N LEU A 182 -8.05 29.36 -23.30
CA LEU A 182 -7.81 27.92 -23.36
C LEU A 182 -6.57 27.50 -22.56
N ALA A 183 -5.52 28.32 -22.63
CA ALA A 183 -4.27 28.07 -21.89
C ALA A 183 -4.44 28.17 -20.37
N ILE A 184 -5.22 29.15 -19.90
CA ILE A 184 -5.47 29.33 -18.46
C ILE A 184 -6.38 28.21 -17.95
N LEU A 185 -7.49 27.99 -18.65
CA LEU A 185 -8.44 26.92 -18.33
C LEU A 185 -7.79 25.55 -18.25
N GLY A 186 -6.85 25.28 -19.15
CA GLY A 186 -6.06 24.06 -19.13
C GLY A 186 -5.02 24.01 -18.03
N ASN A 187 -4.25 25.09 -17.88
CA ASN A 187 -3.08 25.11 -16.99
C ASN A 187 -3.41 25.11 -15.49
N VAL A 188 -4.35 25.98 -15.08
CA VAL A 188 -4.75 26.05 -13.66
C VAL A 188 -5.38 24.73 -13.21
N LEU A 189 -6.23 24.16 -14.06
CA LEU A 189 -6.87 22.87 -13.80
C LEU A 189 -5.86 21.74 -13.52
N VAL A 190 -4.72 21.77 -14.22
CA VAL A 190 -3.61 20.85 -13.96
C VAL A 190 -2.90 21.19 -12.65
N CYS A 191 -2.66 22.49 -12.41
CA CYS A 191 -2.06 22.97 -11.16
C CYS A 191 -2.93 22.71 -9.94
N TRP A 192 -4.25 22.82 -10.11
CA TRP A 192 -5.22 22.49 -9.07
C TRP A 192 -5.22 21.00 -8.73
N ALA A 193 -5.07 20.17 -9.76
CA ALA A 193 -5.07 18.71 -9.60
C ALA A 193 -3.86 18.18 -8.82
N VAL A 194 -2.69 18.77 -9.04
CA VAL A 194 -1.47 18.39 -8.31
C VAL A 194 -1.58 18.73 -6.82
N TRP A 195 -2.06 19.93 -6.52
CA TRP A 195 -2.24 20.38 -5.13
C TRP A 195 -3.29 19.56 -4.37
N LEU A 196 -4.33 19.11 -5.09
CA LEU A 196 -5.43 18.36 -4.47
C LEU A 196 -5.02 16.95 -4.02
N ASN A 197 -4.40 16.19 -4.93
CA ASN A 197 -4.11 14.78 -4.72
C ASN A 197 -2.66 14.55 -4.24
N SER A 198 -2.44 13.43 -3.55
CA SER A 198 -1.16 13.11 -2.90
C SER A 198 -0.13 12.42 -3.81
N ASN A 199 -0.59 11.44 -4.59
CA ASN A 199 0.30 10.66 -5.46
C ASN A 199 0.82 11.48 -6.66
N LEU A 200 0.06 12.50 -7.06
CA LEU A 200 0.42 13.35 -8.19
C LEU A 200 1.61 14.25 -7.83
N GLN A 201 1.44 15.01 -6.74
CA GLN A 201 2.50 15.91 -6.25
C GLN A 201 3.78 15.15 -5.87
N ASN A 202 4.88 15.53 -6.53
CA ASN A 202 6.16 14.83 -6.46
C ASN A 202 7.19 15.58 -7.29
N VAL A 203 8.33 14.94 -7.58
CA VAL A 203 9.34 15.51 -8.49
C VAL A 203 8.77 15.63 -9.90
N THR A 204 8.10 14.57 -10.37
CA THR A 204 7.46 14.55 -11.69
C THR A 204 6.42 15.67 -11.88
N ASN A 205 5.67 15.97 -10.82
CA ASN A 205 4.65 17.01 -10.86
C ASN A 205 5.23 18.41 -11.02
N TYR A 206 6.33 18.71 -10.33
CA TYR A 206 6.96 20.04 -10.41
C TYR A 206 7.47 20.38 -11.82
N PHE A 207 7.94 19.37 -12.55
CA PHE A 207 8.34 19.54 -13.96
C PHE A 207 7.12 19.80 -14.86
N VAL A 208 6.03 19.08 -14.63
CA VAL A 208 4.77 19.26 -15.38
C VAL A 208 4.09 20.59 -15.03
N VAL A 209 4.08 20.93 -13.73
CA VAL A 209 3.48 22.18 -13.25
C VAL A 209 4.30 23.42 -13.65
N SER A 210 5.62 23.28 -13.74
CA SER A 210 6.48 24.38 -14.22
C SER A 210 6.21 24.72 -15.70
N LEU A 211 5.93 23.69 -16.50
CA LEU A 211 5.44 23.88 -17.87
C LEU A 211 4.05 24.54 -17.88
N ALA A 212 3.16 24.04 -17.02
CA ALA A 212 1.81 24.59 -16.87
C ALA A 212 1.80 26.02 -16.32
N ALA A 213 2.75 26.32 -15.43
CA ALA A 213 2.94 27.67 -14.88
C ALA A 213 3.40 28.66 -15.94
N ALA A 214 4.30 28.19 -16.82
CA ALA A 214 4.69 28.96 -18.00
C ALA A 214 3.49 29.16 -18.93
N ASP A 215 2.69 28.11 -19.12
CA ASP A 215 1.44 28.19 -19.89
C ASP A 215 0.44 29.22 -19.34
N ILE A 216 0.34 29.31 -18.01
CA ILE A 216 -0.43 30.38 -17.34
C ILE A 216 0.16 31.74 -17.70
N ALA A 217 1.48 31.86 -17.58
CA ALA A 217 2.20 33.09 -17.92
C ALA A 217 1.98 33.49 -19.38
N VAL A 218 1.96 32.50 -20.27
CA VAL A 218 1.64 32.75 -21.69
C VAL A 218 0.21 33.30 -21.80
N GLY A 219 -0.73 32.66 -21.13
CA GLY A 219 -2.14 33.06 -21.15
C GLY A 219 -2.45 34.49 -20.71
N VAL A 220 -1.69 35.00 -19.74
CA VAL A 220 -1.91 36.36 -19.21
C VAL A 220 -0.88 37.39 -19.69
N LEU A 221 0.39 36.99 -19.83
CA LEU A 221 1.49 37.93 -20.12
C LEU A 221 2.05 37.87 -21.56
N ALA A 222 2.03 36.70 -22.20
CA ALA A 222 2.56 36.56 -23.58
C ALA A 222 1.52 36.58 -24.71
N ILE A 223 0.23 36.59 -24.39
CA ILE A 223 -0.81 36.83 -25.40
C ILE A 223 -1.12 38.32 -25.55
N PRO A 224 -1.58 39.00 -24.47
CA PRO A 224 -1.93 40.43 -24.66
C PRO A 224 -0.77 41.33 -25.09
N PHE A 225 0.45 41.02 -24.63
CA PHE A 225 1.65 41.75 -25.06
C PHE A 225 2.11 41.35 -26.48
N ALA A 226 1.78 40.13 -26.91
CA ALA A 226 1.95 39.74 -28.32
C ALA A 226 0.92 40.42 -29.23
N ILE A 227 -0.31 40.58 -28.74
CA ILE A 227 -1.36 41.34 -29.43
C ILE A 227 -0.92 42.77 -29.78
N THR A 228 -0.23 43.43 -28.85
CA THR A 228 0.23 44.81 -29.03
C THR A 228 1.28 44.98 -30.14
N ILE A 229 2.05 43.94 -30.42
CA ILE A 229 3.07 43.98 -31.48
C ILE A 229 2.45 43.89 -32.88
N SER A 230 1.36 43.12 -33.01
CA SER A 230 0.67 42.96 -34.30
C SER A 230 -0.05 44.22 -34.79
N THR A 231 -0.43 45.11 -33.86
CA THR A 231 -1.16 46.34 -34.20
C THR A 231 -0.30 47.37 -34.93
N GLY A 232 0.86 47.68 -34.35
CA GLY A 232 1.75 48.72 -34.86
C GLY A 232 1.33 50.08 -34.33
N PHE A 233 1.66 50.31 -33.06
CA PHE A 233 1.31 51.56 -32.35
C PHE A 233 2.57 52.36 -32.10
N CYS A 234 2.44 53.69 -32.12
CA CYS A 234 3.58 54.59 -31.95
C CYS A 234 4.05 54.62 -30.49
N ALA A 235 5.34 54.34 -30.29
CA ALA A 235 5.94 54.28 -28.96
C ALA A 235 7.46 54.42 -29.08
N ALA A 236 8.15 54.43 -27.94
CA ALA A 236 9.60 54.47 -27.92
C ALA A 236 10.18 53.14 -28.41
N CYS A 237 11.37 53.20 -29.00
CA CYS A 237 12.01 52.02 -29.58
C CYS A 237 12.47 51.02 -28.51
N HIS A 238 12.90 51.53 -27.36
CA HIS A 238 13.22 50.70 -26.20
C HIS A 238 11.96 50.09 -25.57
N GLY A 239 10.90 50.89 -25.47
CA GLY A 239 9.62 50.44 -24.93
C GLY A 239 8.92 49.40 -25.79
N CYS A 240 8.97 49.58 -27.11
CA CYS A 240 8.39 48.62 -28.06
C CYS A 240 9.18 47.31 -28.10
N LEU A 241 10.50 47.41 -28.24
CA LEU A 241 11.38 46.24 -28.31
C LEU A 241 11.32 45.40 -27.03
N PHE A 242 11.19 46.06 -25.87
CA PHE A 242 11.00 45.37 -24.58
C PHE A 242 9.79 44.44 -24.57
N ILE A 243 8.70 44.86 -25.23
CA ILE A 243 7.47 44.06 -25.29
C ILE A 243 7.69 42.81 -26.14
N ALA A 244 8.16 43.00 -27.37
CA ALA A 244 8.41 41.89 -28.31
C ALA A 244 9.42 40.87 -27.77
N CYS A 245 10.46 41.35 -27.09
CA CYS A 245 11.45 40.48 -26.45
C CYS A 245 10.88 39.75 -25.23
N PHE A 246 10.08 40.44 -24.42
CA PHE A 246 9.44 39.84 -23.24
C PHE A 246 8.39 38.78 -23.63
N VAL A 247 7.70 39.00 -24.75
CA VAL A 247 6.84 37.98 -25.36
C VAL A 247 7.67 36.76 -25.76
N LEU A 248 8.83 37.00 -26.37
CA LEU A 248 9.74 35.92 -26.76
C LEU A 248 10.27 35.16 -25.54
N VAL A 249 10.70 35.89 -24.51
CA VAL A 249 11.20 35.29 -23.25
C VAL A 249 10.19 34.30 -22.65
N LEU A 250 8.95 34.74 -22.49
CA LEU A 250 7.95 33.96 -21.76
C LEU A 250 7.39 32.79 -22.59
N THR A 251 7.33 32.95 -23.90
CA THR A 251 7.05 31.84 -24.82
C THR A 251 8.21 30.84 -24.89
N GLN A 252 9.44 31.35 -24.75
CA GLN A 252 10.64 30.50 -24.72
C GLN A 252 10.75 29.64 -23.45
N SER A 253 10.25 30.16 -22.32
CA SER A 253 10.21 29.39 -21.07
C SER A 253 9.31 28.16 -21.14
N SER A 254 8.26 28.23 -21.97
CA SER A 254 7.40 27.08 -22.24
C SER A 254 8.14 25.98 -23.00
N ILE A 255 9.02 26.37 -23.94
CA ILE A 255 9.77 25.42 -24.76
C ILE A 255 10.92 24.76 -23.96
N PHE A 256 11.61 25.53 -23.13
CA PHE A 256 12.69 24.99 -22.29
C PHE A 256 12.17 24.09 -21.16
N SER A 257 10.99 24.42 -20.62
CA SER A 257 10.29 23.54 -19.68
C SER A 257 9.77 22.27 -20.37
N LEU A 258 9.32 22.42 -21.62
CA LEU A 258 8.91 21.30 -22.47
C LEU A 258 10.06 20.32 -22.73
N LEU A 259 11.25 20.86 -23.03
CA LEU A 259 12.47 20.05 -23.16
C LEU A 259 12.87 19.41 -21.82
N ALA A 260 12.76 20.19 -20.74
CA ALA A 260 13.13 19.73 -19.39
C ALA A 260 12.34 18.50 -18.90
N ILE A 261 11.07 18.41 -19.29
CA ILE A 261 10.24 17.24 -18.97
C ILE A 261 10.71 16.01 -19.76
N ALA A 262 11.07 16.21 -21.02
CA ALA A 262 11.60 15.13 -21.88
C ALA A 262 12.91 14.55 -21.34
N ILE A 263 13.79 15.43 -20.84
CA ILE A 263 15.04 15.02 -20.20
C ILE A 263 14.77 14.39 -18.82
N ASP A 264 13.77 14.91 -18.10
CA ASP A 264 13.34 14.34 -16.82
C ASP A 264 12.78 12.92 -16.98
N ARG A 265 11.96 12.70 -18.00
CA ARG A 265 11.48 11.36 -18.35
C ARG A 265 12.61 10.47 -18.86
N TYR A 266 13.50 11.04 -19.66
CA TYR A 266 14.64 10.31 -20.24
C TYR A 266 15.55 9.69 -19.18
N ILE A 267 16.01 10.53 -18.24
CA ILE A 267 16.90 10.08 -17.17
C ILE A 267 16.24 9.10 -16.19
N ALA A 268 14.91 9.13 -16.11
CA ALA A 268 14.13 8.14 -15.36
C ALA A 268 14.07 6.75 -16.03
N ILE A 269 14.29 6.69 -17.34
CA ILE A 269 14.21 5.44 -18.12
C ILE A 269 15.58 4.80 -18.39
N ARG A 270 16.57 5.61 -18.76
CA ARG A 270 17.95 5.11 -18.98
C ARG A 270 18.72 4.88 -17.69
N ILE A 271 18.41 5.68 -16.66
CA ILE A 271 18.97 5.49 -15.32
C ILE A 271 17.81 5.31 -14.32
N PRO A 272 17.17 4.11 -14.34
CA PRO A 272 15.97 3.89 -13.53
C PRO A 272 16.21 3.75 -12.03
N LEU A 273 17.19 2.93 -11.66
CA LEU A 273 17.45 2.60 -10.25
C LEU A 273 18.05 3.77 -9.47
N ARG A 274 18.86 4.59 -10.13
CA ARG A 274 19.48 5.78 -9.51
C ARG A 274 18.66 7.07 -9.71
N TYR A 275 17.41 6.95 -10.18
CA TYR A 275 16.60 8.14 -10.54
C TYR A 275 16.30 9.05 -9.36
N ASN A 276 15.82 8.48 -8.25
CA ASN A 276 15.49 9.26 -7.05
C ASN A 276 16.73 9.80 -6.33
N GLY A 277 17.87 9.10 -6.48
CA GLY A 277 19.15 9.59 -5.97
C GLY A 277 19.73 10.69 -6.83
N LEU A 278 19.74 10.49 -8.15
CA LEU A 278 20.25 11.47 -9.11
C LEU A 278 19.33 12.70 -9.21
N VAL A 279 18.02 12.46 -9.32
CA VAL A 279 17.03 13.52 -9.46
C VAL A 279 16.19 13.61 -8.18
N THR A 280 16.16 14.80 -7.57
CA THR A 280 15.44 15.06 -6.33
C THR A 280 14.61 16.35 -6.43
N GLY A 281 13.81 16.61 -5.40
CA GLY A 281 12.96 17.80 -5.33
C GLY A 281 13.70 19.12 -5.25
N THR A 282 14.85 19.13 -4.57
CA THR A 282 15.72 20.30 -4.49
C THR A 282 16.35 20.60 -5.85
N ARG A 283 16.84 19.56 -6.52
CA ARG A 283 17.40 19.70 -7.87
C ARG A 283 16.34 19.96 -8.94
N ALA A 284 15.12 19.46 -8.71
CA ALA A 284 13.98 19.71 -9.61
C ALA A 284 13.67 21.21 -9.72
N LYS A 285 13.67 21.90 -8.58
CA LYS A 285 13.55 23.36 -8.55
C LYS A 285 14.76 24.04 -9.20
N GLY A 286 15.94 23.45 -9.02
CA GLY A 286 17.17 23.90 -9.70
C GLY A 286 17.13 23.80 -11.20
N ILE A 287 16.58 22.70 -11.73
CA ILE A 287 16.44 22.52 -13.19
C ILE A 287 15.36 23.46 -13.74
N ILE A 288 14.26 23.64 -13.00
CA ILE A 288 13.24 24.64 -13.33
C ILE A 288 13.82 26.06 -13.29
N ALA A 289 14.69 26.32 -12.31
CA ALA A 289 15.40 27.60 -12.20
C ALA A 289 16.36 27.82 -13.37
N ILE A 290 17.05 26.76 -13.81
CA ILE A 290 17.93 26.82 -14.99
C ILE A 290 17.13 27.20 -16.26
N CYS A 291 15.96 26.60 -16.43
CA CYS A 291 15.11 26.86 -17.60
C CYS A 291 14.59 28.29 -17.66
N TRP A 292 14.00 28.76 -16.56
CA TRP A 292 13.43 30.12 -16.50
C TRP A 292 14.50 31.22 -16.56
N VAL A 293 15.64 31.01 -15.92
CA VAL A 293 16.76 31.98 -15.96
C VAL A 293 17.40 32.02 -17.37
N LEU A 294 17.62 30.85 -17.96
CA LEU A 294 18.15 30.76 -19.34
C LEU A 294 17.16 31.28 -20.39
N SER A 295 15.86 31.14 -20.11
CA SER A 295 14.81 31.72 -20.97
C SER A 295 14.84 33.25 -20.94
N PHE A 296 14.98 33.82 -19.74
CA PHE A 296 15.17 35.27 -19.57
C PHE A 296 16.49 35.76 -20.19
N ALA A 297 17.54 34.96 -20.08
CA ALA A 297 18.88 35.31 -20.59
C ALA A 297 18.94 35.40 -22.12
N ILE A 298 18.38 34.39 -22.79
CA ILE A 298 18.44 34.31 -24.27
C ILE A 298 17.48 35.31 -24.93
N GLY A 299 16.25 35.41 -24.40
CA GLY A 299 15.25 36.31 -24.95
C GLY A 299 15.54 37.79 -24.78
N LEU A 300 16.27 38.15 -23.72
CA LEU A 300 16.74 39.52 -23.50
C LEU A 300 18.16 39.79 -24.08
N THR A 301 18.64 38.90 -24.95
CA THR A 301 19.86 39.14 -25.72
C THR A 301 19.74 40.37 -26.66
N PRO A 302 18.62 40.50 -27.41
CA PRO A 302 18.40 41.71 -28.21
C PRO A 302 18.44 43.07 -27.48
N MET A 303 18.13 43.08 -26.18
CA MET A 303 18.20 44.31 -25.38
C MET A 303 19.61 44.87 -25.28
N LEU A 304 20.59 43.99 -25.07
CA LEU A 304 22.01 44.35 -25.02
C LEU A 304 22.77 43.65 -26.16
N GLY A 305 22.89 44.35 -27.28
CA GLY A 305 23.55 43.81 -28.48
C GLY A 305 22.58 43.08 -29.39
N TRP A 306 22.94 42.98 -30.67
CA TRP A 306 22.12 42.34 -31.71
C TRP A 306 20.69 42.93 -31.78
N ASN A 307 20.64 44.21 -32.10
CA ASN A 307 19.37 44.92 -32.32
C ASN A 307 19.63 46.10 -33.24
N ASN A 308 18.93 46.14 -34.38
CA ASN A 308 19.12 47.19 -35.38
C ASN A 308 18.65 48.55 -34.86
N CYS A 309 17.65 48.55 -34.00
CA CYS A 309 17.22 49.74 -33.25
C CYS A 309 18.36 50.29 -32.39
N VAL A 327 8.22 55.26 -33.21
CA VAL A 327 8.37 54.20 -34.21
C VAL A 327 7.16 53.26 -34.23
N ALA A 328 6.81 52.78 -35.43
CA ALA A 328 5.70 51.83 -35.60
C ALA A 328 6.11 50.46 -35.05
N CYS A 329 5.42 50.03 -34.00
CA CYS A 329 5.85 48.88 -33.22
C CYS A 329 5.51 47.53 -33.88
N LEU A 330 6.39 47.10 -34.77
CA LEU A 330 6.29 45.79 -35.45
C LEU A 330 7.35 44.83 -34.94
N PHE A 331 7.08 43.54 -35.08
CA PHE A 331 8.00 42.48 -34.62
C PHE A 331 9.26 42.38 -35.47
N GLU A 332 9.07 42.30 -36.78
CA GLU A 332 10.17 42.12 -37.75
C GLU A 332 11.17 43.28 -37.80
N ASP A 333 10.70 44.50 -37.52
CA ASP A 333 11.55 45.69 -37.55
C ASP A 333 12.48 45.75 -36.34
N VAL A 334 11.92 45.65 -35.14
CA VAL A 334 12.69 45.79 -33.88
C VAL A 334 13.59 44.57 -33.59
N VAL A 335 13.05 43.37 -33.81
CA VAL A 335 13.80 42.13 -33.60
C VAL A 335 14.47 41.74 -34.91
N PRO A 336 15.82 41.62 -34.92
CA PRO A 336 16.52 41.29 -36.17
C PRO A 336 16.36 39.81 -36.57
N MET A 337 16.32 39.55 -37.87
CA MET A 337 16.07 38.21 -38.40
C MET A 337 17.30 37.30 -38.33
N ASN A 338 18.50 37.87 -38.24
CA ASN A 338 19.73 37.11 -38.02
C ASN A 338 19.74 36.44 -36.65
N TYR A 339 19.27 37.16 -35.63
CA TYR A 339 19.05 36.61 -34.28
C TYR A 339 18.02 35.48 -34.29
N MET A 340 16.92 35.69 -35.01
CA MET A 340 15.80 34.73 -35.05
C MET A 340 16.13 33.39 -35.72
N VAL A 341 17.07 33.38 -36.67
CA VAL A 341 17.40 32.17 -37.44
C VAL A 341 18.65 31.46 -36.89
N TYR A 342 19.75 32.19 -36.71
CA TYR A 342 21.02 31.60 -36.28
C TYR A 342 21.00 31.18 -34.80
N PHE A 343 20.70 32.12 -33.93
CA PHE A 343 20.80 31.91 -32.48
C PHE A 343 19.49 31.43 -31.85
N ASN A 344 18.37 32.06 -32.23
CA ASN A 344 17.07 31.76 -31.61
C ASN A 344 16.48 30.42 -32.09
N PHE A 345 16.26 30.29 -33.39
CA PHE A 345 15.67 29.07 -33.96
C PHE A 345 16.52 27.82 -33.68
N PHE A 346 17.84 27.96 -33.71
CA PHE A 346 18.75 26.86 -33.38
C PHE A 346 18.62 26.45 -31.91
N ALA A 347 18.98 27.37 -31.02
CA ALA A 347 19.06 27.06 -29.58
C ALA A 347 17.70 26.90 -28.88
N CYS A 348 16.75 27.77 -29.22
CA CYS A 348 15.46 27.83 -28.51
C CYS A 348 14.34 26.97 -29.08
N VAL A 349 14.50 26.42 -30.29
CA VAL A 349 13.47 25.61 -30.96
C VAL A 349 14.04 24.31 -31.55
N LEU A 350 15.01 24.43 -32.44
CA LEU A 350 15.60 23.28 -33.14
C LEU A 350 16.35 22.32 -32.22
N VAL A 351 17.10 22.86 -31.26
CA VAL A 351 17.81 22.04 -30.26
C VAL A 351 16.82 21.26 -29.37
N PRO A 352 15.78 21.93 -28.83
CA PRO A 352 14.69 21.19 -28.18
C PRO A 352 14.03 20.12 -29.07
N LEU A 353 13.80 20.44 -30.35
CA LEU A 353 13.21 19.49 -31.30
C LEU A 353 14.14 18.30 -31.55
N LEU A 354 15.40 18.58 -31.83
CA LEU A 354 16.40 17.54 -32.08
C LEU A 354 16.69 16.70 -30.84
N LEU A 355 16.67 17.34 -29.66
CA LEU A 355 16.80 16.62 -28.39
C LEU A 355 15.58 15.74 -28.13
N MET A 356 14.38 16.33 -28.12
CA MET A 356 13.14 15.60 -27.85
C MET A 356 12.90 14.45 -28.82
N LEU A 357 13.01 14.73 -30.12
CA LEU A 357 12.82 13.71 -31.17
C LEU A 357 13.79 12.53 -31.01
N GLY A 358 15.04 12.82 -30.68
CA GLY A 358 16.05 11.80 -30.37
C GLY A 358 15.84 11.12 -29.04
N VAL A 359 15.45 11.90 -28.03
CA VAL A 359 15.19 11.38 -26.66
C VAL A 359 13.96 10.45 -26.65
N TYR A 360 12.87 10.91 -27.24
CA TYR A 360 11.64 10.11 -27.29
C TYR A 360 11.75 8.89 -28.21
N LEU A 361 12.63 8.94 -29.22
CA LEU A 361 13.00 7.74 -29.98
C LEU A 361 13.74 6.72 -29.10
N ARG A 362 14.61 7.21 -28.22
CA ARG A 362 15.31 6.37 -27.23
C ARG A 362 14.36 5.82 -26.15
N ILE A 363 13.35 6.60 -25.77
CA ILE A 363 12.28 6.11 -24.89
C ILE A 363 11.45 5.03 -25.60
N PHE A 364 11.19 5.23 -26.90
CA PHE A 364 10.51 4.20 -27.70
C PHE A 364 11.34 2.92 -27.85
N LEU A 365 12.66 3.08 -27.94
CA LEU A 365 13.58 1.92 -27.95
C LEU A 365 13.49 1.14 -26.64
N ALA A 366 13.38 1.86 -25.52
CA ALA A 366 13.13 1.24 -24.20
C ALA A 366 11.74 0.62 -24.12
N ALA A 367 10.75 1.29 -24.70
CA ALA A 367 9.38 0.75 -24.80
C ALA A 367 9.31 -0.50 -25.68
N ARG A 368 10.09 -0.54 -26.76
CA ARG A 368 10.23 -1.72 -27.61
C ARG A 368 10.94 -2.85 -26.88
N ARG A 369 11.96 -2.50 -26.10
CA ARG A 369 12.72 -3.46 -25.27
C ARG A 369 11.85 -4.07 -24.16
N GLN A 370 10.92 -3.29 -23.62
CA GLN A 370 10.05 -3.72 -22.52
C GLN A 370 8.79 -4.46 -22.98
N LEU A 371 8.14 -3.96 -24.03
CA LEU A 371 6.80 -4.46 -24.45
C LEU A 371 6.83 -5.87 -25.05
N LYS A 372 7.76 -6.12 -25.98
CA LYS A 372 7.87 -7.44 -26.63
C LYS A 372 8.21 -8.55 -25.62
N GLN A 373 8.96 -8.19 -24.58
CA GLN A 373 9.25 -9.09 -23.46
C GLN A 373 7.96 -9.41 -22.69
N MET A 374 7.18 -8.37 -22.39
CA MET A 374 5.89 -8.52 -21.72
C MET A 374 4.84 -9.07 -22.68
N THR A 387 2.59 -8.19 -30.26
CA THR A 387 3.51 -7.12 -29.90
C THR A 387 3.39 -5.87 -30.78
N LEU A 388 2.75 -6.00 -31.95
CA LEU A 388 2.62 -4.90 -32.91
C LEU A 388 1.68 -3.79 -32.43
N GLN A 389 0.50 -4.18 -31.93
CA GLN A 389 -0.54 -3.23 -31.53
C GLN A 389 -0.13 -2.29 -30.39
N LYS A 390 0.56 -2.84 -29.39
CA LYS A 390 1.10 -2.04 -28.29
C LYS A 390 2.34 -1.23 -28.71
N GLU A 391 3.10 -1.75 -29.67
CA GLU A 391 4.26 -1.04 -30.22
C GLU A 391 3.87 0.22 -30.99
N VAL A 392 2.91 0.08 -31.91
CA VAL A 392 2.40 1.23 -32.68
C VAL A 392 1.68 2.25 -31.81
N HIS A 393 1.05 1.78 -30.72
CA HIS A 393 0.48 2.68 -29.69
C HIS A 393 1.57 3.49 -28.99
N ALA A 394 2.67 2.83 -28.64
CA ALA A 394 3.80 3.48 -27.96
C ALA A 394 4.53 4.49 -28.85
N ALA A 395 4.69 4.14 -30.14
CA ALA A 395 5.29 5.05 -31.13
C ALA A 395 4.39 6.25 -31.41
N LYS A 396 3.10 5.97 -31.62
CA LYS A 396 2.10 7.02 -31.87
C LYS A 396 1.90 7.95 -30.67
N SER A 397 2.05 7.41 -29.44
CA SER A 397 1.92 8.20 -28.22
C SER A 397 3.02 9.26 -28.09
N LEU A 398 4.26 8.87 -28.39
CA LEU A 398 5.39 9.79 -28.40
C LEU A 398 5.39 10.69 -29.64
N ALA A 399 4.82 10.18 -30.74
CA ALA A 399 4.58 10.98 -31.94
C ALA A 399 3.56 12.11 -31.71
N ILE A 400 2.60 11.88 -30.81
CA ILE A 400 1.66 12.93 -30.37
C ILE A 400 2.37 13.99 -29.51
N ILE A 401 3.29 13.56 -28.65
CA ILE A 401 4.06 14.48 -27.80
C ILE A 401 5.01 15.36 -28.63
N VAL A 402 5.78 14.72 -29.51
CA VAL A 402 6.76 15.42 -30.36
C VAL A 402 6.10 16.14 -31.55
N GLY A 403 5.15 15.47 -32.19
CA GLY A 403 4.48 15.99 -33.38
C GLY A 403 3.75 17.31 -33.19
N LEU A 404 3.06 17.46 -32.05
CA LEU A 404 2.38 18.72 -31.71
C LEU A 404 3.37 19.85 -31.39
N PHE A 405 4.52 19.51 -30.81
CA PHE A 405 5.61 20.48 -30.61
C PHE A 405 6.18 20.95 -31.96
N ALA A 406 6.40 20.01 -32.86
CA ALA A 406 6.86 20.31 -34.23
C ALA A 406 5.79 21.03 -35.05
N LEU A 407 4.53 20.69 -34.83
CA LEU A 407 3.39 21.33 -35.51
C LEU A 407 3.24 22.81 -35.11
N CYS A 408 3.46 23.13 -33.84
CA CYS A 408 3.26 24.48 -33.32
C CYS A 408 4.36 25.47 -33.75
N TRP A 409 5.60 25.13 -33.44
CA TRP A 409 6.72 26.09 -33.51
C TRP A 409 7.35 26.25 -34.90
N LEU A 410 7.55 25.15 -35.62
CA LEU A 410 8.26 25.18 -36.90
C LEU A 410 7.67 26.14 -37.95
N PRO A 411 6.33 26.13 -38.16
CA PRO A 411 5.71 27.01 -39.17
C PRO A 411 6.13 28.48 -39.12
N LEU A 412 6.21 29.05 -37.92
CA LEU A 412 6.65 30.44 -37.75
C LEU A 412 8.13 30.62 -38.08
N HIS A 413 8.97 29.70 -37.59
CA HIS A 413 10.42 29.79 -37.76
C HIS A 413 10.90 29.45 -39.17
N ILE A 414 10.19 28.58 -39.89
CA ILE A 414 10.49 28.33 -41.33
C ILE A 414 10.15 29.53 -42.20
N ILE A 415 9.14 30.31 -41.81
CA ILE A 415 8.83 31.59 -42.47
C ILE A 415 9.94 32.62 -42.19
N ASN A 416 10.47 32.61 -40.97
CA ASN A 416 11.64 33.44 -40.61
C ASN A 416 12.91 33.00 -41.36
N CYS A 417 13.08 31.69 -41.53
CA CYS A 417 14.17 31.14 -42.36
C CYS A 417 13.98 31.48 -43.84
N PHE A 418 12.73 31.48 -44.30
CA PHE A 418 12.38 31.93 -45.66
C PHE A 418 12.67 33.42 -45.85
N THR A 419 12.18 34.23 -44.91
CA THR A 419 12.34 35.70 -44.96
C THR A 419 13.81 36.13 -44.87
N PHE A 420 14.58 35.47 -44.00
CA PHE A 420 16.00 35.81 -43.80
C PHE A 420 16.88 35.38 -44.98
N PHE A 421 16.71 34.14 -45.43
CA PHE A 421 17.56 33.57 -46.48
C PHE A 421 17.35 34.22 -47.85
N CYS A 422 16.10 34.50 -48.21
CA CYS A 422 15.78 35.10 -49.51
C CYS A 422 14.38 35.76 -49.52
N PRO A 423 14.33 37.11 -49.44
CA PRO A 423 13.08 37.87 -49.63
C PRO A 423 12.89 38.39 -51.07
N ASP A 424 13.15 37.53 -52.06
CA ASP A 424 12.81 37.83 -53.46
C ASP A 424 11.30 37.68 -53.64
N CYS A 425 10.77 36.58 -53.10
CA CYS A 425 9.33 36.40 -52.95
C CYS A 425 8.80 37.34 -51.85
N SER A 426 7.51 37.63 -51.91
CA SER A 426 6.87 38.52 -50.94
C SER A 426 6.78 37.89 -49.56
N HIS A 427 6.51 38.73 -48.55
CA HIS A 427 6.32 38.25 -47.18
C HIS A 427 5.05 37.41 -47.08
N ALA A 428 4.99 36.55 -46.06
CA ALA A 428 3.77 35.81 -45.76
C ALA A 428 2.67 36.83 -45.45
N PRO A 429 1.48 36.71 -46.08
CA PRO A 429 0.39 37.66 -45.78
C PRO A 429 0.04 37.74 -44.31
N LEU A 430 -0.55 38.86 -43.89
CA LEU A 430 -0.87 39.10 -42.47
C LEU A 430 -1.60 37.92 -41.84
N TRP A 431 -2.62 37.40 -42.53
CA TRP A 431 -3.37 36.21 -42.09
C TRP A 431 -2.49 34.95 -41.96
N LEU A 432 -1.56 34.77 -42.90
CA LEU A 432 -0.60 33.64 -42.85
C LEU A 432 0.42 33.79 -41.71
N MET A 433 0.86 35.02 -41.45
CA MET A 433 1.70 35.31 -40.26
C MET A 433 0.90 35.12 -38.97
N TYR A 434 -0.36 35.57 -38.98
CA TYR A 434 -1.27 35.38 -37.84
C TYR A 434 -1.53 33.90 -37.55
N LEU A 435 -1.64 33.09 -38.62
CA LEU A 435 -1.77 31.63 -38.48
C LEU A 435 -0.55 31.02 -37.78
N ALA A 436 0.65 31.47 -38.17
CA ALA A 436 1.90 30.99 -37.57
C ALA A 436 2.07 31.44 -36.11
N ILE A 437 1.66 32.67 -35.81
CA ILE A 437 1.76 33.22 -34.44
C ILE A 437 0.76 32.55 -33.49
N VAL A 438 -0.47 32.31 -33.97
CA VAL A 438 -1.50 31.61 -33.18
C VAL A 438 -1.13 30.15 -32.96
N LEU A 439 -0.67 29.47 -34.03
CA LEU A 439 -0.30 28.05 -33.94
C LEU A 439 0.94 27.82 -33.07
N SER A 440 1.84 28.80 -33.00
CA SER A 440 2.96 28.76 -32.05
C SER A 440 2.48 28.92 -30.60
N HIS A 441 1.49 29.79 -30.38
CA HIS A 441 0.85 29.95 -29.07
C HIS A 441 -0.04 28.76 -28.69
N THR A 442 -0.57 28.06 -29.69
CA THR A 442 -1.40 26.84 -29.48
C THR A 442 -0.66 25.72 -28.74
N ASN A 443 0.69 25.74 -28.77
CA ASN A 443 1.49 24.86 -27.91
C ASN A 443 1.08 24.94 -26.44
N SER A 444 0.92 26.17 -25.94
CA SER A 444 0.51 26.43 -24.55
C SER A 444 -0.89 25.90 -24.20
N VAL A 445 -1.76 25.80 -25.20
CA VAL A 445 -3.08 25.17 -25.04
C VAL A 445 -2.94 23.65 -24.95
N VAL A 446 -2.19 23.07 -25.89
CA VAL A 446 -2.03 21.60 -25.98
C VAL A 446 -1.00 20.98 -25.02
N ASN A 447 -0.15 21.79 -24.38
CA ASN A 447 0.83 21.30 -23.39
C ASN A 447 0.16 20.66 -22.16
N PRO A 448 -0.92 21.26 -21.64
CA PRO A 448 -1.80 20.56 -20.70
C PRO A 448 -2.32 19.21 -21.21
N PHE A 449 -2.69 19.14 -22.48
CA PHE A 449 -3.18 17.90 -23.06
C PHE A 449 -2.08 16.85 -23.20
N ILE A 450 -0.99 17.21 -23.88
CA ILE A 450 0.02 16.20 -24.25
C ILE A 450 0.79 15.58 -23.07
N TYR A 451 0.83 16.26 -21.92
CA TYR A 451 1.52 15.74 -20.72
C TYR A 451 0.57 15.41 -19.58
N ALA A 452 -0.19 16.39 -19.11
CA ALA A 452 -1.05 16.24 -17.93
C ALA A 452 -2.24 15.29 -18.15
N TYR A 453 -2.80 15.26 -19.36
CA TYR A 453 -3.89 14.33 -19.70
C TYR A 453 -3.42 12.86 -19.76
N ARG A 454 -2.17 12.65 -20.17
CA ARG A 454 -1.63 11.29 -20.35
C ARG A 454 -1.30 10.57 -19.05
N ILE A 455 -0.84 11.30 -18.04
CA ILE A 455 -0.58 10.70 -16.72
C ILE A 455 -1.91 10.23 -16.10
N ARG A 456 -1.97 8.95 -15.75
CA ARG A 456 -3.22 8.30 -15.33
C ARG A 456 -3.82 8.84 -14.03
N GLU A 457 -2.97 9.36 -13.15
CA GLU A 457 -3.40 9.93 -11.87
C GLU A 457 -4.13 11.28 -12.02
N PHE A 458 -3.72 12.07 -13.00
CA PHE A 458 -4.40 13.35 -13.32
C PHE A 458 -5.83 13.19 -13.84
N ARG A 459 -6.11 12.05 -14.51
CA ARG A 459 -7.45 11.76 -15.04
C ARG A 459 -8.51 11.70 -13.95
N GLN A 460 -8.19 11.01 -12.86
CA GLN A 460 -9.11 10.85 -11.73
C GLN A 460 -9.45 12.17 -11.02
N THR A 461 -8.47 13.07 -10.95
CA THR A 461 -8.67 14.39 -10.33
C THR A 461 -9.51 15.31 -11.22
N PHE A 462 -9.21 15.32 -12.52
CA PHE A 462 -9.96 16.10 -13.49
C PHE A 462 -11.32 15.47 -13.77
N ASP B 4 -10.13 -37.25 23.46
CA ASP B 4 -11.54 -37.48 23.02
C ASP B 4 -12.55 -36.93 24.03
N GLN B 5 -12.42 -37.33 25.29
CA GLN B 5 -13.31 -36.87 26.36
C GLN B 5 -13.10 -35.40 26.70
N LEU B 6 -11.85 -34.95 26.70
CA LEU B 6 -11.50 -33.54 26.94
C LEU B 6 -11.97 -32.62 25.80
N ARG B 7 -11.87 -33.10 24.57
CA ARG B 7 -12.35 -32.35 23.40
C ARG B 7 -13.88 -32.22 23.36
N GLN B 8 -14.57 -33.28 23.77
CA GLN B 8 -16.04 -33.27 23.86
C GLN B 8 -16.54 -32.33 24.97
N GLU B 9 -15.85 -32.32 26.11
CA GLU B 9 -16.17 -31.41 27.22
C GLU B 9 -15.89 -29.95 26.88
N ALA B 10 -14.85 -29.70 26.09
CA ALA B 10 -14.49 -28.35 25.63
C ALA B 10 -15.54 -27.76 24.68
N GLU B 11 -16.08 -28.60 23.79
CA GLU B 11 -17.13 -28.20 22.86
C GLU B 11 -18.46 -27.91 23.57
N GLN B 12 -18.77 -28.70 24.59
CA GLN B 12 -19.98 -28.49 25.42
C GLN B 12 -19.93 -27.20 26.24
N LEU B 13 -18.72 -26.81 26.68
CA LEU B 13 -18.52 -25.56 27.42
C LEU B 13 -18.76 -24.32 26.56
N LYS B 14 -18.34 -24.37 25.30
CA LYS B 14 -18.58 -23.28 24.34
C LYS B 14 -20.06 -23.11 23.99
N ASN B 15 -20.77 -24.23 23.86
CA ASN B 15 -22.22 -24.23 23.60
C ASN B 15 -23.02 -23.69 24.80
N GLN B 16 -22.62 -24.07 26.01
CA GLN B 16 -23.23 -23.58 27.25
C GLN B 16 -22.98 -22.10 27.49
N ILE B 17 -21.80 -21.61 27.10
CA ILE B 17 -21.45 -20.19 27.22
C ILE B 17 -22.29 -19.30 26.30
N ARG B 18 -22.50 -19.75 25.06
CA ARG B 18 -23.36 -19.05 24.10
C ARG B 18 -24.84 -19.08 24.50
N ASP B 19 -25.28 -20.21 25.07
CA ASP B 19 -26.66 -20.37 25.54
C ASP B 19 -27.00 -19.50 26.76
N ALA B 20 -26.01 -19.30 27.63
CA ALA B 20 -26.18 -18.44 28.81
C ALA B 20 -26.35 -16.96 28.44
N ARG B 21 -25.49 -16.48 27.54
CA ARG B 21 -25.56 -15.11 27.04
C ARG B 21 -26.77 -14.86 26.12
N LYS B 22 -27.27 -15.92 25.48
CA LYS B 22 -28.49 -15.85 24.67
C LYS B 22 -29.74 -15.54 25.51
N ALA B 23 -29.77 -16.04 26.74
CA ALA B 23 -30.84 -15.72 27.70
C ALA B 23 -30.76 -14.26 28.17
N CYS B 24 -29.55 -13.73 28.30
CA CYS B 24 -29.33 -12.31 28.60
C CYS B 24 -29.84 -11.40 27.48
N ALA B 25 -29.73 -11.86 26.24
CA ALA B 25 -30.27 -11.13 25.07
C ALA B 25 -31.80 -11.15 25.05
N ASP B 26 -32.39 -10.25 25.82
CA ASP B 26 -33.84 -10.05 25.83
C ASP B 26 -34.23 -9.15 24.66
N ALA B 27 -33.60 -7.98 24.60
CA ALA B 27 -33.75 -7.03 23.49
C ALA B 27 -32.42 -6.91 22.73
N THR B 28 -32.43 -6.11 21.66
CA THR B 28 -31.23 -5.77 20.90
C THR B 28 -30.93 -4.28 21.06
N LEU B 29 -29.66 -3.92 20.87
CA LEU B 29 -29.22 -2.52 20.99
C LEU B 29 -29.81 -1.65 19.87
N SER B 30 -29.78 -2.16 18.63
CA SER B 30 -30.36 -1.48 17.48
C SER B 30 -31.89 -1.33 17.58
N GLN B 31 -32.54 -2.30 18.24
CA GLN B 31 -33.99 -2.31 18.38
C GLN B 31 -34.50 -1.24 19.36
N ILE B 32 -33.82 -1.08 20.50
CA ILE B 32 -34.20 -0.08 21.51
C ILE B 32 -33.68 1.34 21.23
N THR B 33 -32.60 1.45 20.44
CA THR B 33 -32.03 2.75 20.05
C THR B 33 -32.63 3.33 18.75
N ASN B 34 -33.72 2.75 18.25
CA ASN B 34 -34.41 3.27 17.06
C ASN B 34 -35.18 4.56 17.36
N ASN B 35 -35.72 4.68 18.58
CA ASN B 35 -36.53 5.84 18.96
C ASN B 35 -35.76 7.16 19.11
N ILE B 36 -34.55 7.10 19.64
CA ILE B 36 -33.71 8.31 19.83
C ILE B 36 -33.22 8.87 18.49
N ASP B 37 -33.09 10.19 18.42
CA ASP B 37 -32.64 10.87 17.20
C ASP B 37 -31.13 10.65 16.97
N PRO B 38 -30.71 10.52 15.69
CA PRO B 38 -29.29 10.28 15.41
C PRO B 38 -28.46 11.56 15.43
N VAL B 39 -27.15 11.40 15.32
CA VAL B 39 -26.23 12.52 15.07
C VAL B 39 -26.61 13.32 13.81
N GLY B 40 -27.07 12.62 12.78
CA GLY B 40 -27.54 13.24 11.55
C GLY B 40 -26.41 13.41 10.55
N ARG B 41 -26.47 14.50 9.78
CA ARG B 41 -25.41 14.84 8.83
C ARG B 41 -24.21 15.38 9.59
N ILE B 42 -23.10 14.64 9.56
CA ILE B 42 -21.84 15.05 10.18
C ILE B 42 -20.76 15.03 9.10
N GLN B 43 -20.02 16.15 8.99
CA GLN B 43 -19.00 16.32 7.96
C GLN B 43 -17.78 17.03 8.54
N MET B 44 -16.86 16.24 9.08
CA MET B 44 -15.63 16.75 9.69
C MET B 44 -14.66 17.13 8.58
N ARG B 45 -14.35 18.43 8.48
CA ARG B 45 -13.30 18.90 7.57
C ARG B 45 -11.92 18.53 8.11
N THR B 46 -10.96 18.41 7.21
CA THR B 46 -9.55 18.30 7.61
C THR B 46 -9.08 19.62 8.20
N ARG B 47 -8.62 19.58 9.45
CA ARG B 47 -8.08 20.76 10.12
C ARG B 47 -6.71 21.08 9.55
N ARG B 48 -5.82 20.09 9.59
CA ARG B 48 -4.45 20.21 9.07
C ARG B 48 -4.02 18.93 8.36
N THR B 49 -2.87 18.99 7.69
CA THR B 49 -2.26 17.84 7.02
C THR B 49 -0.78 17.74 7.41
N LEU B 50 -0.47 16.77 8.28
CA LEU B 50 0.88 16.58 8.80
C LEU B 50 1.75 15.81 7.80
N ARG B 51 2.26 16.52 6.81
CA ARG B 51 3.19 15.94 5.82
C ARG B 51 4.62 15.96 6.37
N GLY B 52 5.29 14.81 6.27
CA GLY B 52 6.62 14.63 6.85
C GLY B 52 7.15 13.24 6.61
N HIS B 53 6.38 12.23 7.03
CA HIS B 53 6.77 10.83 6.88
C HIS B 53 7.08 10.46 5.43
N LEU B 54 8.07 9.59 5.26
CA LEU B 54 8.61 9.23 3.94
C LEU B 54 7.79 8.09 3.36
N ALA B 55 7.70 7.00 4.12
CA ALA B 55 6.94 5.81 3.75
C ALA B 55 5.58 5.81 4.46
N LYS B 56 4.81 4.75 4.22
CA LYS B 56 3.50 4.55 4.87
C LYS B 56 3.54 4.62 6.41
N ILE B 57 2.62 5.38 6.98
CA ILE B 57 2.44 5.45 8.43
C ILE B 57 1.58 4.26 8.84
N TYR B 58 2.11 3.42 9.73
CA TYR B 58 1.43 2.19 10.16
C TYR B 58 0.58 2.41 11.41
N ALA B 59 1.08 3.20 12.36
CA ALA B 59 0.40 3.44 13.63
C ALA B 59 0.58 4.85 14.17
N MET B 60 -0.33 5.23 15.08
CA MET B 60 -0.24 6.50 15.81
C MET B 60 -1.02 6.43 17.13
N HIS B 61 -0.75 7.39 18.01
CA HIS B 61 -1.47 7.49 19.29
C HIS B 61 -1.31 8.87 19.93
N TRP B 62 -2.41 9.43 20.44
CA TRP B 62 -2.39 10.72 21.13
C TRP B 62 -1.82 10.60 22.54
N GLY B 63 -1.51 11.75 23.13
CA GLY B 63 -1.16 11.86 24.55
C GLY B 63 -2.36 12.28 25.38
N THR B 64 -2.19 12.27 26.71
CA THR B 64 -3.22 12.73 27.64
C THR B 64 -3.44 14.23 27.59
N ASP B 65 -2.37 14.97 27.27
CA ASP B 65 -2.44 16.44 27.09
C ASP B 65 -3.38 16.94 26.00
N SER B 66 -3.68 16.08 25.01
CA SER B 66 -4.57 16.40 23.88
C SER B 66 -3.99 17.52 22.99
N ARG B 67 -2.73 17.36 22.63
CA ARG B 67 -2.01 18.28 21.76
C ARG B 67 -0.99 17.54 20.90
N LEU B 68 -0.01 16.92 21.56
CA LEU B 68 1.06 16.20 20.88
C LEU B 68 0.59 14.79 20.54
N LEU B 69 1.00 14.30 19.37
CA LEU B 69 0.72 12.93 18.93
C LEU B 69 1.95 12.33 18.24
N VAL B 70 2.20 11.05 18.52
CA VAL B 70 3.32 10.31 17.93
C VAL B 70 2.78 9.37 16.86
N SER B 71 3.58 9.14 15.82
CA SER B 71 3.22 8.23 14.72
C SER B 71 4.44 7.54 14.14
N ALA B 72 4.32 6.23 13.94
CA ALA B 72 5.42 5.40 13.45
C ALA B 72 5.20 5.07 11.97
N SER B 73 6.26 5.21 11.18
CA SER B 73 6.23 4.92 9.74
C SER B 73 7.32 3.91 9.36
N GLN B 74 7.13 3.28 8.20
CA GLN B 74 7.94 2.14 7.78
C GLN B 74 9.31 2.54 7.18
N ASP B 75 9.55 3.83 6.99
CA ASP B 75 10.88 4.33 6.65
C ASP B 75 11.86 4.25 7.82
N GLY B 76 11.32 4.21 9.05
CA GLY B 76 12.13 4.13 10.27
C GLY B 76 12.11 5.37 11.15
N LYS B 77 11.18 6.28 10.91
CA LYS B 77 11.04 7.51 11.70
C LYS B 77 9.80 7.45 12.60
N LEU B 78 9.95 7.97 13.82
CA LEU B 78 8.86 8.05 14.80
C LEU B 78 8.69 9.52 15.18
N ILE B 79 7.91 10.23 14.38
CA ILE B 79 7.78 11.68 14.48
C ILE B 79 6.80 12.04 15.59
N ILE B 80 7.23 12.90 16.51
CA ILE B 80 6.38 13.44 17.57
C ILE B 80 5.84 14.77 17.05
N TRP B 81 4.57 14.78 16.68
CA TRP B 81 3.92 15.97 16.12
C TRP B 81 3.34 16.85 17.22
N ASP B 82 2.86 18.02 16.81
CA ASP B 82 2.08 18.92 17.65
C ASP B 82 0.88 19.41 16.83
N SER B 83 -0.32 19.00 17.24
CA SER B 83 -1.54 19.22 16.46
C SER B 83 -1.90 20.70 16.28
N TYR B 84 -1.82 21.48 17.36
CA TYR B 84 -2.14 22.91 17.33
C TYR B 84 -1.26 23.73 16.39
N THR B 85 0.02 23.35 16.30
CA THR B 85 1.05 24.11 15.57
C THR B 85 1.62 23.40 14.33
N THR B 86 1.12 22.21 14.02
CA THR B 86 1.61 21.35 12.92
C THR B 86 3.13 21.41 12.70
N ASN B 87 3.88 21.08 13.75
CA ASN B 87 5.35 21.11 13.73
C ASN B 87 5.97 19.88 14.36
N LYS B 88 7.26 19.67 14.06
CA LYS B 88 8.03 18.55 14.57
C LYS B 88 8.57 18.86 15.97
N VAL B 89 8.08 18.15 16.98
CA VAL B 89 8.63 18.24 18.33
C VAL B 89 9.90 17.41 18.41
N HIS B 90 9.83 16.19 17.88
CA HIS B 90 10.97 15.27 17.81
C HIS B 90 10.84 14.32 16.61
N ALA B 91 11.98 13.86 16.10
CA ALA B 91 12.02 12.90 14.99
C ALA B 91 13.06 11.81 15.32
N ILE B 92 12.57 10.63 15.70
CA ILE B 92 13.41 9.58 16.27
C ILE B 92 13.70 8.49 15.23
N PRO B 93 15.00 8.22 14.94
CA PRO B 93 15.33 7.13 14.03
C PRO B 93 15.31 5.77 14.74
N LEU B 94 14.47 4.85 14.27
CA LEU B 94 14.31 3.53 14.88
C LEU B 94 15.46 2.59 14.53
N ARG B 95 15.56 1.49 15.28
CA ARG B 95 16.55 0.44 15.04
C ARG B 95 16.17 -0.35 13.80
N SER B 96 14.93 -0.86 13.79
CA SER B 96 14.35 -1.51 12.63
C SER B 96 13.42 -0.52 11.92
N SER B 97 13.52 -0.47 10.58
CA SER B 97 12.69 0.43 9.77
C SER B 97 11.20 0.09 9.86
N TRP B 98 10.89 -1.20 9.93
CA TRP B 98 9.51 -1.68 9.98
C TRP B 98 8.95 -1.59 11.40
N VAL B 99 7.87 -0.84 11.56
CA VAL B 99 7.25 -0.58 12.87
C VAL B 99 5.72 -0.55 12.72
N MET B 100 5.04 -1.46 13.41
CA MET B 100 3.59 -1.66 13.27
C MET B 100 2.77 -1.00 14.38
N THR B 101 3.42 -0.52 15.44
CA THR B 101 2.73 0.20 16.53
C THR B 101 3.58 1.28 17.16
N CYS B 102 2.91 2.19 17.87
CA CYS B 102 3.55 3.19 18.72
C CYS B 102 2.54 3.79 19.69
N ALA B 103 3.01 4.21 20.86
CA ALA B 103 2.13 4.74 21.90
C ALA B 103 2.80 5.82 22.75
N TYR B 104 1.97 6.76 23.22
CA TYR B 104 2.40 7.85 24.09
C TYR B 104 2.07 7.48 25.55
N ALA B 105 2.99 7.79 26.45
CA ALA B 105 2.78 7.53 27.88
C ALA B 105 1.78 8.53 28.46
N PRO B 106 0.92 8.09 29.42
CA PRO B 106 0.00 8.99 30.12
C PRO B 106 0.65 10.20 30.81
N SER B 107 1.85 10.04 31.34
CA SER B 107 2.58 11.16 31.97
C SER B 107 3.09 12.19 30.96
N GLY B 108 3.37 11.73 29.73
CA GLY B 108 3.96 12.58 28.68
C GLY B 108 5.47 12.64 28.79
N ASN B 109 6.07 11.50 29.13
CA ASN B 109 7.53 11.38 29.34
C ASN B 109 8.17 10.36 28.39
N TYR B 110 7.58 9.17 28.31
CA TYR B 110 8.09 8.08 27.45
C TYR B 110 7.23 7.86 26.21
N VAL B 111 7.83 7.24 25.20
CA VAL B 111 7.17 6.92 23.93
C VAL B 111 7.61 5.51 23.49
N ALA B 112 6.63 4.69 23.09
CA ALA B 112 6.89 3.29 22.69
C ALA B 112 6.79 3.11 21.18
N CYS B 113 7.44 2.07 20.67
CA CYS B 113 7.33 1.68 19.26
C CYS B 113 7.87 0.26 19.02
N GLY B 114 7.28 -0.45 18.06
CA GLY B 114 7.78 -1.78 17.66
C GLY B 114 7.06 -2.39 16.47
N GLY B 115 7.65 -3.46 15.93
CA GLY B 115 7.10 -4.13 14.76
C GLY B 115 7.68 -5.52 14.52
N LEU B 116 8.27 -5.72 13.34
CA LEU B 116 8.80 -7.03 12.92
C LEU B 116 10.13 -7.38 13.61
N ASP B 117 10.75 -6.41 14.28
CA ASP B 117 11.90 -6.66 15.17
C ASP B 117 11.60 -7.48 16.42
N ASN B 118 10.32 -7.52 16.84
CA ASN B 118 9.85 -8.23 18.05
C ASN B 118 10.30 -7.52 19.35
N ILE B 119 10.35 -6.19 19.33
CA ILE B 119 10.80 -5.39 20.47
C ILE B 119 9.95 -4.11 20.58
N CYS B 120 9.31 -3.90 21.74
CA CYS B 120 8.61 -2.65 22.04
C CYS B 120 9.62 -1.66 22.62
N SER B 121 10.35 -1.00 21.73
CA SER B 121 11.42 -0.07 22.12
C SER B 121 10.86 1.22 22.72
N ILE B 122 11.20 1.47 23.99
CA ILE B 122 10.73 2.63 24.74
C ILE B 122 11.78 3.74 24.64
N TYR B 123 11.37 4.95 24.27
CA TYR B 123 12.27 6.10 24.14
C TYR B 123 11.93 7.18 25.17
N ASN B 124 12.97 7.79 25.75
CA ASN B 124 12.82 8.85 26.74
C ASN B 124 12.84 10.21 26.05
N LEU B 125 11.76 10.98 26.21
CA LEU B 125 11.67 12.32 25.63
C LEU B 125 12.42 13.35 26.47
N LYS B 126 12.16 13.35 27.76
CA LYS B 126 12.78 14.30 28.69
C LYS B 126 14.16 13.80 29.14
N THR B 127 15.12 13.88 28.23
CA THR B 127 16.51 13.47 28.49
C THR B 127 17.32 14.70 28.89
N ARG B 128 18.06 14.59 29.98
CA ARG B 128 18.90 15.68 30.50
C ARG B 128 20.11 15.99 29.63
N GLU B 129 20.59 14.98 28.88
CA GLU B 129 21.73 15.15 27.99
C GLU B 129 21.39 16.05 26.80
N GLY B 130 20.32 15.70 26.09
CA GLY B 130 19.83 16.51 24.96
C GLY B 130 18.94 15.73 24.01
N ASN B 131 19.57 14.85 23.22
CA ASN B 131 18.85 14.06 22.22
C ASN B 131 18.06 12.91 22.84
N VAL B 132 17.12 12.38 22.06
CA VAL B 132 16.35 11.19 22.45
C VAL B 132 17.26 9.97 22.63
N ARG B 133 16.90 9.12 23.60
CA ARG B 133 17.69 7.94 23.94
C ARG B 133 16.79 6.74 24.22
N VAL B 134 17.26 5.55 23.87
CA VAL B 134 16.52 4.31 24.13
C VAL B 134 16.50 4.01 25.63
N SER B 135 15.30 4.05 26.22
CA SER B 135 15.13 3.85 27.66
C SER B 135 15.27 2.38 28.03
N ARG B 136 14.51 1.52 27.34
CA ARG B 136 14.58 0.08 27.55
C ARG B 136 14.02 -0.69 26.36
N GLU B 137 14.81 -1.63 25.84
CA GLU B 137 14.38 -2.52 24.75
C GLU B 137 13.71 -3.77 25.33
N LEU B 138 12.42 -3.92 25.04
CA LEU B 138 11.61 -5.02 25.60
C LEU B 138 11.54 -6.21 24.64
N ALA B 139 12.68 -6.91 24.53
CA ALA B 139 12.81 -8.06 23.64
C ALA B 139 12.50 -9.37 24.38
N GLY B 140 11.25 -9.80 24.29
CA GLY B 140 10.81 -11.10 24.84
C GLY B 140 9.54 -11.60 24.19
N HIS B 141 9.53 -11.61 22.87
CA HIS B 141 8.42 -12.12 22.07
C HIS B 141 8.95 -12.92 20.87
N THR B 142 8.29 -14.04 20.57
CA THR B 142 8.67 -14.90 19.45
C THR B 142 8.39 -14.28 18.07
N GLY B 143 7.37 -13.43 17.98
CA GLY B 143 6.90 -12.86 16.71
C GLY B 143 6.77 -11.36 16.75
N TYR B 144 6.26 -10.79 15.65
CA TYR B 144 6.15 -9.34 15.46
C TYR B 144 5.30 -8.65 16.54
N LEU B 145 5.76 -7.49 17.02
CA LEU B 145 5.01 -6.71 17.99
C LEU B 145 3.89 -5.95 17.26
N SER B 146 2.64 -6.19 17.66
CA SER B 146 1.47 -5.65 16.98
C SER B 146 0.85 -4.43 17.65
N CYS B 147 0.93 -4.35 18.99
CA CYS B 147 0.47 -3.16 19.73
C CYS B 147 1.11 -3.03 21.12
N CYS B 148 1.29 -1.78 21.55
CA CYS B 148 1.77 -1.44 22.89
C CYS B 148 0.92 -0.30 23.47
N ARG B 149 0.63 -0.38 24.77
CA ARG B 149 -0.10 0.68 25.49
C ARG B 149 0.46 0.83 26.91
N PHE B 150 0.84 2.04 27.29
CA PHE B 150 1.34 2.31 28.64
C PHE B 150 0.20 2.34 29.65
N LEU B 151 0.31 1.51 30.70
CA LEU B 151 -0.52 1.66 31.90
C LEU B 151 -0.05 2.92 32.62
N ASP B 152 1.25 2.96 32.93
CA ASP B 152 1.93 4.09 33.53
C ASP B 152 3.36 4.14 32.99
N ASP B 153 4.18 5.06 33.51
CA ASP B 153 5.61 5.10 33.15
C ASP B 153 6.40 3.87 33.62
N ASN B 154 5.97 3.26 34.73
CA ASN B 154 6.66 2.09 35.30
C ASN B 154 6.46 0.80 34.49
N GLN B 155 5.24 0.58 34.00
CA GLN B 155 4.90 -0.67 33.30
C GLN B 155 4.07 -0.44 32.02
N ILE B 156 4.25 -1.35 31.05
CA ILE B 156 3.62 -1.27 29.73
C ILE B 156 3.07 -2.64 29.33
N VAL B 157 1.85 -2.66 28.79
CA VAL B 157 1.24 -3.90 28.27
C VAL B 157 1.52 -4.04 26.77
N THR B 158 1.66 -5.28 26.30
CA THR B 158 2.03 -5.56 24.91
C THR B 158 1.18 -6.68 24.31
N SER B 159 0.92 -6.59 23.01
CA SER B 159 0.48 -7.73 22.20
C SER B 159 1.59 -8.09 21.24
N SER B 160 1.46 -9.22 20.56
CA SER B 160 2.51 -9.71 19.67
C SER B 160 2.02 -10.73 18.64
N GLY B 161 2.94 -11.13 17.78
CA GLY B 161 2.74 -12.20 16.80
C GLY B 161 3.24 -13.55 17.29
N ASP B 162 3.38 -13.71 18.60
CA ASP B 162 3.67 -15.00 19.22
C ASP B 162 2.42 -15.62 19.86
N THR B 163 1.23 -15.23 19.39
CA THR B 163 -0.04 -15.77 19.87
C THR B 163 -0.38 -15.36 21.33
N THR B 164 0.35 -14.38 21.88
CA THR B 164 0.29 -14.07 23.31
C THR B 164 0.51 -12.58 23.59
N CYS B 165 -0.34 -12.02 24.46
CA CYS B 165 -0.08 -10.69 25.05
C CYS B 165 0.80 -10.84 26.27
N ALA B 166 1.35 -9.73 26.77
CA ALA B 166 2.25 -9.75 27.92
C ALA B 166 2.40 -8.38 28.57
N LEU B 167 2.36 -8.37 29.91
CA LEU B 167 2.65 -7.16 30.70
C LEU B 167 4.15 -7.08 30.95
N TRP B 168 4.72 -5.90 30.73
CA TRP B 168 6.14 -5.64 30.93
C TRP B 168 6.34 -4.51 31.94
N ASP B 169 7.44 -4.57 32.68
CA ASP B 169 7.86 -3.51 33.60
C ASP B 169 9.24 -3.04 33.14
N ILE B 170 9.32 -1.78 32.70
CA ILE B 170 10.54 -1.25 32.07
C ILE B 170 11.69 -1.01 33.04
N GLU B 171 11.38 -0.80 34.32
CA GLU B 171 12.39 -0.62 35.36
C GLU B 171 13.21 -1.90 35.59
N THR B 172 12.51 -3.03 35.67
CA THR B 172 13.16 -4.34 35.76
C THR B 172 13.71 -4.76 34.39
N GLY B 173 12.89 -4.58 33.36
CA GLY B 173 13.28 -4.88 31.98
C GLY B 173 12.90 -6.27 31.48
N GLN B 174 11.94 -6.91 32.15
CA GLN B 174 11.44 -8.22 31.76
C GLN B 174 9.91 -8.28 31.92
N GLN B 175 9.30 -9.29 31.31
CA GLN B 175 7.84 -9.49 31.39
C GLN B 175 7.43 -9.97 32.79
N THR B 176 6.47 -9.27 33.39
CA THR B 176 5.99 -9.58 34.74
C THR B 176 4.91 -10.64 34.68
N THR B 177 3.86 -10.37 33.90
CA THR B 177 2.72 -11.27 33.73
C THR B 177 2.50 -11.56 32.24
N THR B 178 2.28 -12.84 31.92
CA THR B 178 2.04 -13.31 30.55
C THR B 178 0.54 -13.59 30.35
N PHE B 179 0.07 -13.39 29.12
CA PHE B 179 -1.33 -13.60 28.76
C PHE B 179 -1.44 -14.56 27.57
N THR B 180 -1.71 -15.84 27.88
CA THR B 180 -1.85 -16.89 26.87
C THR B 180 -3.31 -17.35 26.78
N GLY B 181 -3.78 -17.58 25.56
CA GLY B 181 -5.19 -17.95 25.34
C GLY B 181 -5.66 -17.91 23.89
N HIS B 182 -5.23 -16.88 23.15
CA HIS B 182 -5.56 -16.74 21.73
C HIS B 182 -5.02 -17.92 20.91
N THR B 183 -5.64 -18.17 19.75
CA THR B 183 -5.21 -19.23 18.82
C THR B 183 -4.24 -18.68 17.77
N GLY B 184 -4.59 -17.52 17.20
CA GLY B 184 -3.79 -16.86 16.18
C GLY B 184 -3.05 -15.67 16.75
N ASP B 185 -2.30 -14.98 15.89
CA ASP B 185 -1.48 -13.82 16.32
C ASP B 185 -2.36 -12.62 16.68
N VAL B 186 -2.02 -11.96 17.79
CA VAL B 186 -2.79 -10.82 18.30
C VAL B 186 -2.38 -9.58 17.52
N MET B 187 -3.36 -8.75 17.17
CA MET B 187 -3.15 -7.56 16.33
C MET B 187 -3.22 -6.22 17.07
N SER B 188 -4.13 -6.12 18.04
CA SER B 188 -4.27 -4.87 18.80
C SER B 188 -4.77 -5.11 20.23
N LEU B 189 -4.70 -4.05 21.03
CA LEU B 189 -5.18 -4.06 22.40
C LEU B 189 -5.59 -2.65 22.82
N SER B 190 -6.44 -2.58 23.85
CA SER B 190 -6.91 -1.30 24.38
C SER B 190 -7.06 -1.38 25.91
N LEU B 191 -6.46 -0.42 26.60
CA LEU B 191 -6.57 -0.30 28.05
C LEU B 191 -7.91 0.34 28.44
N ALA B 192 -8.37 0.02 29.64
CA ALA B 192 -9.60 0.61 30.19
C ALA B 192 -9.31 2.03 30.71
N PRO B 193 -10.37 2.79 31.07
CA PRO B 193 -10.16 4.07 31.76
C PRO B 193 -9.49 3.92 33.13
N ASP B 194 -9.92 2.94 33.92
CA ASP B 194 -9.34 2.66 35.23
C ASP B 194 -7.95 1.99 35.17
N THR B 195 -7.64 1.35 34.04
CA THR B 195 -6.37 0.61 33.83
C THR B 195 -6.21 -0.60 34.76
N ARG B 196 -7.34 -1.23 35.12
CA ARG B 196 -7.36 -2.47 35.91
C ARG B 196 -7.34 -3.70 35.01
N LEU B 197 -8.02 -3.61 33.86
CA LEU B 197 -8.06 -4.69 32.86
C LEU B 197 -7.94 -4.11 31.44
N PHE B 198 -7.66 -4.99 30.47
CA PHE B 198 -7.55 -4.59 29.07
C PHE B 198 -8.08 -5.67 28.13
N VAL B 199 -8.52 -5.23 26.95
CA VAL B 199 -9.04 -6.12 25.90
C VAL B 199 -8.01 -6.27 24.78
N SER B 200 -8.17 -7.29 23.95
CA SER B 200 -7.25 -7.55 22.84
C SER B 200 -7.88 -8.43 21.75
N GLY B 201 -7.96 -7.88 20.53
CA GLY B 201 -8.48 -8.61 19.37
C GLY B 201 -7.35 -9.27 18.60
N ALA B 202 -7.62 -10.45 18.06
CA ALA B 202 -6.61 -11.28 17.39
C ALA B 202 -7.13 -11.85 16.08
N CYS B 203 -6.24 -12.53 15.35
CA CYS B 203 -6.57 -13.15 14.06
C CYS B 203 -7.36 -14.47 14.16
N ASP B 204 -7.67 -14.91 15.38
CA ASP B 204 -8.63 -16.01 15.58
C ASP B 204 -10.12 -15.60 15.52
N ALA B 205 -10.39 -14.30 15.34
CA ALA B 205 -11.74 -13.74 15.29
C ALA B 205 -12.50 -13.91 16.61
N SER B 206 -11.82 -13.54 17.70
CA SER B 206 -12.39 -13.66 19.05
C SER B 206 -11.59 -12.81 20.05
N ALA B 207 -12.20 -11.71 20.52
CA ALA B 207 -11.56 -10.82 21.49
C ALA B 207 -11.55 -11.46 22.89
N LYS B 208 -10.63 -11.00 23.73
CA LYS B 208 -10.45 -11.53 25.09
C LYS B 208 -10.15 -10.41 26.09
N LEU B 209 -10.91 -10.39 27.18
CA LEU B 209 -10.72 -9.43 28.28
C LEU B 209 -9.75 -10.01 29.31
N TRP B 210 -8.59 -9.36 29.45
CA TRP B 210 -7.54 -9.80 30.37
C TRP B 210 -7.46 -8.88 31.59
N ASP B 211 -7.31 -9.48 32.78
CA ASP B 211 -7.12 -8.73 34.03
C ASP B 211 -5.62 -8.54 34.26
N VAL B 212 -5.21 -7.31 34.56
CA VAL B 212 -3.78 -6.96 34.68
C VAL B 212 -3.16 -7.54 35.95
N ARG B 213 -3.85 -7.38 37.08
CA ARG B 213 -3.33 -7.80 38.39
C ARG B 213 -3.29 -9.32 38.56
N GLU B 214 -4.39 -9.99 38.21
CA GLU B 214 -4.52 -11.44 38.38
C GLU B 214 -3.68 -12.23 37.39
N GLY B 215 -3.82 -11.89 36.10
CA GLY B 215 -3.11 -12.57 35.02
C GLY B 215 -3.91 -13.74 34.48
N MET B 216 -5.12 -13.44 34.02
CA MET B 216 -6.02 -14.46 33.46
C MET B 216 -7.14 -13.82 32.65
N CYS B 217 -7.64 -14.55 31.65
CA CYS B 217 -8.74 -14.08 30.81
C CYS B 217 -10.06 -14.17 31.58
N ARG B 218 -10.79 -13.06 31.65
CA ARG B 218 -12.07 -13.00 32.36
C ARG B 218 -13.16 -13.69 31.55
N GLN B 219 -13.33 -13.25 30.31
CA GLN B 219 -14.25 -13.91 29.36
C GLN B 219 -13.73 -13.79 27.92
N THR B 220 -14.15 -14.74 27.08
CA THR B 220 -13.79 -14.77 25.66
C THR B 220 -15.00 -14.40 24.81
N PHE B 221 -14.88 -13.31 24.04
CA PHE B 221 -15.94 -12.85 23.15
C PHE B 221 -15.73 -13.42 21.75
N THR B 222 -16.81 -13.63 21.02
CA THR B 222 -16.75 -14.09 19.63
C THR B 222 -17.97 -13.63 18.82
N GLY B 223 -17.75 -12.63 17.96
CA GLY B 223 -18.77 -12.15 17.04
C GLY B 223 -18.14 -11.55 15.79
N HIS B 224 -17.22 -12.31 15.20
CA HIS B 224 -16.51 -11.91 13.98
C HIS B 224 -16.19 -13.14 13.14
N GLU B 225 -16.22 -12.96 11.82
CA GLU B 225 -15.93 -14.04 10.87
C GLU B 225 -14.45 -14.11 10.47
N SER B 226 -13.75 -12.98 10.54
CA SER B 226 -12.34 -12.89 10.12
C SER B 226 -11.49 -12.16 11.18
N ASP B 227 -10.20 -11.98 10.86
CA ASP B 227 -9.21 -11.40 11.79
C ASP B 227 -9.64 -10.06 12.39
N ILE B 228 -9.68 -9.98 13.72
CA ILE B 228 -9.91 -8.72 14.42
C ILE B 228 -8.60 -7.93 14.39
N ASN B 229 -8.58 -6.85 13.61
CA ASN B 229 -7.38 -6.04 13.42
C ASN B 229 -7.18 -5.10 14.59
N ALA B 230 -8.21 -4.30 14.88
CA ALA B 230 -8.15 -3.27 15.91
C ALA B 230 -9.17 -3.49 17.02
N ILE B 231 -9.00 -2.71 18.08
CA ILE B 231 -9.87 -2.78 19.26
C ILE B 231 -9.75 -1.48 20.07
N CYS B 232 -10.86 -1.03 20.66
CA CYS B 232 -10.87 0.18 21.48
C CYS B 232 -11.98 0.17 22.52
N PHE B 233 -11.66 0.63 23.73
CA PHE B 233 -12.61 0.66 24.85
C PHE B 233 -13.64 1.77 24.71
N PHE B 234 -14.84 1.50 25.22
CA PHE B 234 -15.93 2.49 25.28
C PHE B 234 -15.63 3.41 26.46
N PRO B 235 -15.96 4.72 26.37
CA PRO B 235 -15.55 5.70 27.41
C PRO B 235 -15.85 5.31 28.87
N ASN B 236 -17.03 4.75 29.12
CA ASN B 236 -17.39 4.27 30.47
C ASN B 236 -16.55 3.07 30.96
N GLY B 237 -16.12 2.24 30.02
CA GLY B 237 -15.29 1.06 30.32
C GLY B 237 -16.08 -0.23 30.52
N ASN B 238 -17.35 -0.24 30.12
CA ASN B 238 -18.21 -1.40 30.22
C ASN B 238 -18.39 -2.15 28.88
N ALA B 239 -17.86 -1.59 27.80
CA ALA B 239 -17.97 -2.20 26.46
C ALA B 239 -16.77 -1.84 25.59
N PHE B 240 -16.70 -2.44 24.40
CA PHE B 240 -15.63 -2.16 23.44
C PHE B 240 -16.00 -2.58 22.01
N ALA B 241 -15.46 -1.85 21.03
CA ALA B 241 -15.66 -2.15 19.60
C ALA B 241 -14.42 -2.87 19.05
N THR B 242 -14.61 -3.56 17.92
CA THR B 242 -13.54 -4.34 17.28
C THR B 242 -13.66 -4.33 15.77
N GLY B 243 -12.72 -3.67 15.10
CA GLY B 243 -12.62 -3.71 13.64
C GLY B 243 -12.02 -5.01 13.16
N SER B 244 -12.51 -5.53 12.04
CA SER B 244 -12.09 -6.84 11.52
C SER B 244 -12.08 -6.92 9.99
N ASP B 245 -11.49 -7.99 9.47
CA ASP B 245 -11.38 -8.23 8.02
C ASP B 245 -12.71 -8.60 7.34
N ASP B 246 -13.72 -8.98 8.12
CA ASP B 246 -15.07 -9.27 7.59
C ASP B 246 -15.90 -8.02 7.19
N ALA B 247 -15.30 -6.83 7.23
CA ALA B 247 -15.93 -5.58 6.79
C ALA B 247 -17.10 -5.13 7.67
N THR B 248 -17.02 -5.46 8.97
CA THR B 248 -18.01 -5.05 9.97
C THR B 248 -17.31 -4.80 11.30
N CYS B 249 -17.86 -3.88 12.10
CA CYS B 249 -17.43 -3.67 13.49
C CYS B 249 -18.46 -4.26 14.44
N ARG B 250 -18.02 -4.69 15.62
CA ARG B 250 -18.88 -5.37 16.59
C ARG B 250 -18.66 -4.85 18.01
N LEU B 251 -19.70 -4.25 18.59
CA LEU B 251 -19.68 -3.80 19.98
C LEU B 251 -19.97 -4.97 20.91
N PHE B 252 -19.09 -5.19 21.88
CA PHE B 252 -19.25 -6.27 22.87
C PHE B 252 -19.34 -5.67 24.28
N ASP B 253 -20.49 -5.88 24.94
CA ASP B 253 -20.69 -5.43 26.32
C ASP B 253 -20.01 -6.39 27.29
N LEU B 254 -19.19 -5.85 28.18
CA LEU B 254 -18.49 -6.65 29.20
C LEU B 254 -19.44 -7.23 30.26
N ARG B 255 -20.49 -6.47 30.59
CA ARG B 255 -21.52 -6.94 31.51
C ARG B 255 -22.42 -7.99 30.85
N ALA B 256 -22.95 -7.66 29.68
CA ALA B 256 -23.85 -8.56 28.94
C ALA B 256 -23.15 -9.80 28.36
N ASP B 257 -21.84 -9.71 28.12
CA ASP B 257 -21.00 -10.83 27.65
C ASP B 257 -21.38 -11.39 26.26
N GLN B 258 -21.77 -10.50 25.34
CA GLN B 258 -22.07 -10.88 23.95
C GLN B 258 -22.07 -9.67 23.01
N GLU B 259 -22.13 -9.96 21.70
CA GLU B 259 -22.20 -8.92 20.67
C GLU B 259 -23.58 -8.25 20.68
N LEU B 260 -23.64 -7.06 21.30
CA LEU B 260 -24.88 -6.29 21.39
C LEU B 260 -25.30 -5.63 20.07
N MET B 261 -24.34 -5.39 19.18
CA MET B 261 -24.59 -4.63 17.94
C MET B 261 -23.52 -4.87 16.89
N THR B 262 -23.94 -4.90 15.63
CA THR B 262 -23.05 -5.08 14.48
C THR B 262 -23.18 -3.86 13.56
N TYR B 263 -22.07 -3.17 13.32
CA TYR B 263 -22.03 -2.00 12.43
C TYR B 263 -21.60 -2.50 11.05
N SER B 264 -22.57 -2.58 10.13
CA SER B 264 -22.35 -3.19 8.82
C SER B 264 -23.03 -2.43 7.69
N HIS B 265 -22.33 -2.32 6.57
CA HIS B 265 -22.88 -1.79 5.33
C HIS B 265 -22.50 -2.80 4.24
N ASP B 266 -23.51 -3.31 3.52
CA ASP B 266 -23.28 -4.34 2.49
C ASP B 266 -22.48 -3.82 1.28
N ASN B 267 -22.52 -2.51 1.04
CA ASN B 267 -21.68 -1.86 0.02
C ASN B 267 -20.18 -1.93 0.36
N ILE B 268 -19.85 -1.91 1.64
CA ILE B 268 -18.46 -2.05 2.10
C ILE B 268 -18.06 -3.51 1.98
N ILE B 269 -16.96 -3.78 1.27
CA ILE B 269 -16.47 -5.14 0.98
C ILE B 269 -15.07 -5.43 1.56
N CYS B 270 -14.52 -4.49 2.32
CA CYS B 270 -13.14 -4.56 2.80
C CYS B 270 -13.06 -4.30 4.31
N GLY B 271 -12.00 -4.81 4.93
CA GLY B 271 -11.86 -4.82 6.39
C GLY B 271 -11.58 -3.47 7.05
N ILE B 272 -11.66 -3.48 8.38
CA ILE B 272 -11.33 -2.32 9.20
C ILE B 272 -9.91 -2.48 9.74
N THR B 273 -9.15 -1.39 9.74
CA THR B 273 -7.77 -1.35 10.22
C THR B 273 -7.67 -0.84 11.65
N SER B 274 -8.41 0.23 11.95
CA SER B 274 -8.40 0.89 13.26
C SER B 274 -9.81 1.30 13.68
N VAL B 275 -10.03 1.39 15.00
CA VAL B 275 -11.30 1.85 15.57
C VAL B 275 -11.07 2.71 16.81
N SER B 276 -11.95 3.70 17.03
CA SER B 276 -11.92 4.53 18.23
C SER B 276 -13.23 5.30 18.44
N PHE B 277 -13.57 5.52 19.71
CA PHE B 277 -14.74 6.31 20.09
C PHE B 277 -14.36 7.75 20.44
N SER B 278 -15.37 8.62 20.46
CA SER B 278 -15.22 9.99 20.97
C SER B 278 -15.34 9.99 22.50
N LYS B 279 -15.27 11.18 23.11
CA LYS B 279 -15.53 11.33 24.54
C LYS B 279 -16.95 10.91 24.91
N SER B 280 -17.91 11.28 24.06
CA SER B 280 -19.32 10.94 24.26
C SER B 280 -19.61 9.43 24.17
N GLY B 281 -18.88 8.73 23.31
CA GLY B 281 -19.18 7.34 22.99
C GLY B 281 -20.33 7.25 21.99
N ARG B 282 -20.39 8.23 21.09
CA ARG B 282 -21.41 8.30 20.05
C ARG B 282 -20.81 7.94 18.71
N LEU B 283 -19.77 8.67 18.31
CA LEU B 283 -19.11 8.49 17.02
C LEU B 283 -18.04 7.40 17.08
N LEU B 284 -18.41 6.19 16.67
CA LEU B 284 -17.46 5.09 16.52
C LEU B 284 -16.72 5.26 15.19
N LEU B 285 -15.51 5.81 15.26
CA LEU B 285 -14.73 6.16 14.08
C LEU B 285 -13.83 4.99 13.66
N ALA B 286 -14.20 4.32 12.57
CA ALA B 286 -13.49 3.14 12.07
C ALA B 286 -12.81 3.42 10.75
N GLY B 287 -11.53 3.06 10.64
CA GLY B 287 -10.73 3.27 9.43
C GLY B 287 -10.67 2.02 8.55
N TYR B 288 -11.04 2.17 7.28
CA TYR B 288 -11.21 1.04 6.36
C TYR B 288 -10.08 0.92 5.33
N ASP B 289 -10.06 -0.21 4.62
CA ASP B 289 -9.06 -0.49 3.59
C ASP B 289 -9.27 0.32 2.30
N ASP B 290 -10.51 0.73 2.02
CA ASP B 290 -10.84 1.44 0.78
C ASP B 290 -10.53 2.96 0.80
N PHE B 291 -9.47 3.36 1.52
CA PHE B 291 -8.96 4.73 1.56
C PHE B 291 -9.92 5.73 2.22
N ASN B 292 -10.85 5.24 3.05
CA ASN B 292 -11.83 6.06 3.74
C ASN B 292 -12.01 5.59 5.18
N CYS B 293 -12.67 6.42 5.99
CA CYS B 293 -13.03 6.08 7.37
C CYS B 293 -14.49 6.45 7.59
N ASN B 294 -15.30 5.46 7.99
CA ASN B 294 -16.75 5.64 8.17
C ASN B 294 -17.08 6.08 9.61
N VAL B 295 -17.78 7.20 9.73
CA VAL B 295 -18.22 7.73 11.03
C VAL B 295 -19.52 7.01 11.42
N TRP B 296 -19.40 5.93 12.19
CA TRP B 296 -20.55 5.16 12.63
C TRP B 296 -21.21 5.77 13.85
N ASP B 297 -22.54 5.67 13.92
CA ASP B 297 -23.28 6.00 15.13
C ASP B 297 -23.28 4.76 16.02
N ALA B 298 -22.64 4.86 17.18
CA ALA B 298 -22.61 3.78 18.17
C ALA B 298 -23.98 3.49 18.79
N LEU B 299 -24.90 4.45 18.70
CA LEU B 299 -26.25 4.32 19.25
C LEU B 299 -27.12 3.43 18.38
N LYS B 300 -27.36 3.86 17.14
CA LYS B 300 -28.36 3.26 16.25
C LYS B 300 -27.79 2.40 15.11
N ALA B 301 -26.46 2.32 15.00
CA ALA B 301 -25.78 1.60 13.91
C ALA B 301 -26.19 2.08 12.52
N ASP B 302 -25.89 3.36 12.24
CA ASP B 302 -26.08 3.95 10.92
C ASP B 302 -24.90 4.84 10.56
N ARG B 303 -24.51 4.83 9.28
CA ARG B 303 -23.36 5.59 8.80
C ARG B 303 -23.70 7.08 8.75
N ALA B 304 -23.20 7.80 9.75
CA ALA B 304 -23.45 9.25 9.89
C ALA B 304 -22.72 10.07 8.84
N GLY B 305 -21.45 9.74 8.61
CA GLY B 305 -20.60 10.48 7.67
C GLY B 305 -19.48 9.62 7.09
N VAL B 306 -18.48 10.29 6.51
CA VAL B 306 -17.34 9.62 5.89
C VAL B 306 -16.13 10.55 5.80
N LEU B 307 -14.93 9.97 5.92
CA LEU B 307 -13.67 10.71 5.87
C LEU B 307 -12.96 10.47 4.53
N ALA B 308 -13.17 11.38 3.60
CA ALA B 308 -12.52 11.33 2.28
C ALA B 308 -11.23 12.15 2.31
N GLY B 309 -10.15 11.58 1.78
CA GLY B 309 -8.86 12.28 1.78
C GLY B 309 -7.67 11.51 1.22
N HIS B 310 -7.40 10.34 1.79
CA HIS B 310 -6.12 9.65 1.60
C HIS B 310 -6.05 8.85 0.29
N ASP B 311 -4.83 8.65 -0.20
CA ASP B 311 -4.57 7.90 -1.43
C ASP B 311 -4.60 6.39 -1.15
N ASN B 312 -3.81 5.96 -0.16
CA ASN B 312 -3.74 4.57 0.29
C ASN B 312 -4.51 4.40 1.61
N ARG B 313 -4.58 3.16 2.11
CA ARG B 313 -5.45 2.82 3.25
C ARG B 313 -5.15 3.63 4.52
N VAL B 314 -6.20 3.92 5.29
CA VAL B 314 -6.04 4.44 6.65
C VAL B 314 -5.66 3.26 7.55
N SER B 315 -4.45 3.30 8.11
CA SER B 315 -3.93 2.21 8.94
C SER B 315 -4.36 2.37 10.39
N CYS B 316 -4.22 3.59 10.91
CA CYS B 316 -4.47 3.89 12.32
C CYS B 316 -5.46 5.03 12.49
N LEU B 317 -6.10 5.05 13.66
CA LEU B 317 -7.05 6.10 14.04
C LEU B 317 -7.05 6.27 15.55
N GLY B 318 -6.69 7.47 16.01
CA GLY B 318 -6.68 7.82 17.43
C GLY B 318 -7.57 9.02 17.69
N VAL B 319 -8.04 9.13 18.94
CA VAL B 319 -8.89 10.23 19.38
C VAL B 319 -8.28 10.85 20.64
N THR B 320 -8.44 12.17 20.78
CA THR B 320 -7.91 12.90 21.93
C THR B 320 -8.64 12.55 23.23
N ASP B 321 -7.96 12.75 24.36
CA ASP B 321 -8.53 12.44 25.67
C ASP B 321 -9.65 13.41 26.08
N ASP B 322 -9.48 14.69 25.76
CA ASP B 322 -10.54 15.69 25.96
C ASP B 322 -11.68 15.57 24.93
N GLY B 323 -11.38 15.00 23.76
CA GLY B 323 -12.37 14.72 22.72
C GLY B 323 -12.66 15.91 21.81
N MET B 324 -11.64 16.73 21.57
CA MET B 324 -11.75 17.92 20.73
C MET B 324 -11.28 17.67 19.28
N ALA B 325 -10.26 16.82 19.12
CA ALA B 325 -9.70 16.50 17.80
C ALA B 325 -9.55 14.99 17.59
N VAL B 326 -9.44 14.61 16.31
CA VAL B 326 -9.25 13.21 15.88
C VAL B 326 -8.18 13.19 14.80
N ALA B 327 -7.35 12.14 14.79
CA ALA B 327 -6.29 11.96 13.79
C ALA B 327 -6.43 10.63 13.09
N THR B 328 -6.03 10.58 11.82
CA THR B 328 -6.11 9.38 10.98
C THR B 328 -4.84 9.21 10.14
N GLY B 329 -3.90 8.41 10.63
CA GLY B 329 -2.68 8.08 9.89
C GLY B 329 -2.99 7.14 8.74
N SER B 330 -2.24 7.30 7.65
CA SER B 330 -2.52 6.61 6.39
C SER B 330 -1.27 6.14 5.68
N TRP B 331 -1.46 5.26 4.69
CA TRP B 331 -0.36 4.63 3.96
C TRP B 331 0.29 5.52 2.88
N ASP B 332 -0.31 6.69 2.59
CA ASP B 332 0.33 7.72 1.75
C ASP B 332 1.21 8.71 2.54
N SER B 333 1.37 8.48 3.85
CA SER B 333 2.31 9.20 4.71
C SER B 333 1.88 10.61 5.17
N PHE B 334 0.61 10.97 4.94
CA PHE B 334 0.08 12.25 5.41
C PHE B 334 -0.96 12.03 6.52
N LEU B 335 -0.57 12.33 7.76
CA LEU B 335 -1.48 12.33 8.90
C LEU B 335 -2.40 13.55 8.82
N LYS B 336 -3.70 13.31 8.63
CA LYS B 336 -4.69 14.38 8.58
C LYS B 336 -5.45 14.41 9.90
N ILE B 337 -5.47 15.60 10.54
CA ILE B 337 -6.20 15.81 11.80
C ILE B 337 -7.55 16.45 11.47
N TRP B 338 -8.59 16.01 12.18
CA TRP B 338 -9.97 16.41 11.94
C TRP B 338 -10.62 16.82 13.28
N ASN B 339 -11.56 17.76 13.22
CA ASN B 339 -12.24 18.24 14.42
C ASN B 339 -13.59 18.87 14.07
N GLN C 11 -3.57 -28.38 26.48
CA GLN C 11 -4.39 -27.54 25.55
C GLN C 11 -5.90 -27.68 25.81
N ALA C 12 -6.38 -28.92 25.82
CA ALA C 12 -7.79 -29.23 26.06
C ALA C 12 -8.21 -28.95 27.50
N ARG C 13 -7.36 -29.32 28.45
CA ARG C 13 -7.60 -29.05 29.87
C ARG C 13 -7.54 -27.57 30.22
N LYS C 14 -6.59 -26.85 29.61
CA LYS C 14 -6.45 -25.40 29.78
C LYS C 14 -7.62 -24.64 29.15
N LEU C 15 -8.06 -25.09 27.97
CA LEU C 15 -9.24 -24.53 27.30
C LEU C 15 -10.54 -24.84 28.06
N VAL C 16 -10.60 -26.02 28.67
CA VAL C 16 -11.72 -26.40 29.53
C VAL C 16 -11.76 -25.57 30.82
N GLU C 17 -10.59 -25.38 31.43
CA GLU C 17 -10.45 -24.52 32.61
C GLU C 17 -10.72 -23.04 32.30
N GLN C 18 -10.38 -22.61 31.09
CA GLN C 18 -10.68 -21.24 30.62
C GLN C 18 -12.19 -21.03 30.48
N LEU C 19 -12.85 -21.94 29.79
CA LEU C 19 -14.30 -21.88 29.60
C LEU C 19 -15.09 -22.15 30.90
N LYS C 20 -14.50 -22.92 31.81
CA LYS C 20 -15.06 -23.11 33.16
C LYS C 20 -15.05 -21.81 33.96
N MET C 21 -13.96 -21.06 33.87
CA MET C 21 -13.86 -19.73 34.48
C MET C 21 -14.75 -18.71 33.75
N GLU C 22 -14.81 -18.81 32.42
CA GLU C 22 -15.67 -17.95 31.61
C GLU C 22 -17.17 -18.21 31.76
N ALA C 23 -17.53 -19.42 32.21
CA ALA C 23 -18.93 -19.79 32.44
C ALA C 23 -19.57 -18.97 33.56
N ASN C 24 -18.91 -18.95 34.72
CA ASN C 24 -19.37 -18.17 35.87
C ASN C 24 -19.11 -16.68 35.65
N ILE C 25 -20.16 -15.94 35.28
CA ILE C 25 -20.07 -14.50 35.04
C ILE C 25 -21.43 -13.82 35.14
N ASP C 26 -21.43 -12.57 35.58
CA ASP C 26 -22.67 -11.81 35.79
C ASP C 26 -23.23 -11.30 34.47
N ARG C 27 -23.97 -12.17 33.77
CA ARG C 27 -24.58 -11.83 32.48
C ARG C 27 -25.80 -10.93 32.66
N ILE C 28 -25.59 -9.63 32.48
CA ILE C 28 -26.67 -8.63 32.62
C ILE C 28 -27.59 -8.62 31.41
N LYS C 29 -28.75 -7.99 31.56
CA LYS C 29 -29.74 -7.87 30.48
C LYS C 29 -29.27 -6.85 29.44
N VAL C 30 -29.62 -7.11 28.17
CA VAL C 30 -29.23 -6.23 27.07
C VAL C 30 -30.03 -4.91 27.09
N SER C 31 -31.29 -4.96 27.50
CA SER C 31 -32.11 -3.74 27.65
C SER C 31 -31.51 -2.76 28.65
N LYS C 32 -31.02 -3.29 29.77
CA LYS C 32 -30.35 -2.48 30.81
C LYS C 32 -28.94 -2.05 30.37
N ALA C 33 -28.20 -2.98 29.75
CA ALA C 33 -26.85 -2.70 29.24
C ALA C 33 -26.86 -1.68 28.09
N ALA C 34 -27.87 -1.77 27.22
CA ALA C 34 -28.06 -0.81 26.12
C ALA C 34 -28.47 0.56 26.64
N ALA C 35 -29.38 0.59 27.61
CA ALA C 35 -29.88 1.83 28.20
C ALA C 35 -28.79 2.63 28.93
N ASP C 36 -27.85 1.94 29.56
CA ASP C 36 -26.73 2.57 30.25
C ASP C 36 -25.74 3.20 29.25
N LEU C 37 -25.42 2.45 28.20
CA LEU C 37 -24.55 2.95 27.11
C LEU C 37 -25.22 4.06 26.30
N MET C 38 -26.55 3.95 26.10
CA MET C 38 -27.34 4.99 25.44
C MET C 38 -27.41 6.27 26.28
N ALA C 39 -27.68 6.11 27.58
CA ALA C 39 -27.76 7.24 28.51
C ALA C 39 -26.42 7.92 28.77
N TYR C 40 -25.32 7.16 28.68
CA TYR C 40 -23.98 7.72 28.80
C TYR C 40 -23.67 8.70 27.67
N CYS C 41 -24.08 8.35 26.45
CA CYS C 41 -23.92 9.24 25.29
C CYS C 41 -24.74 10.51 25.46
N GLU C 42 -26.01 10.36 25.83
CA GLU C 42 -26.92 11.50 26.08
C GLU C 42 -26.39 12.45 27.17
N ALA C 43 -25.68 11.90 28.16
CA ALA C 43 -25.02 12.70 29.20
C ALA C 43 -23.81 13.46 28.64
N HIS C 44 -22.92 12.74 27.96
CA HIS C 44 -21.69 13.31 27.40
C HIS C 44 -21.84 13.89 25.96
N ALA C 45 -23.04 13.85 25.39
CA ALA C 45 -23.30 14.46 24.07
C ALA C 45 -23.10 15.97 24.10
N LYS C 46 -23.56 16.60 25.18
CA LYS C 46 -23.33 18.03 25.42
C LYS C 46 -21.88 18.33 25.80
N GLU C 47 -21.23 17.40 26.50
CA GLU C 47 -19.81 17.50 26.86
C GLU C 47 -18.92 17.63 25.61
N ASP C 48 -18.68 18.89 25.21
CA ASP C 48 -18.00 19.28 23.96
C ASP C 48 -17.18 18.19 23.24
N PRO C 49 -17.85 17.41 22.36
CA PRO C 49 -17.22 16.32 21.62
C PRO C 49 -16.99 16.72 20.16
N LEU C 50 -16.78 15.74 19.28
CA LEU C 50 -16.78 15.97 17.82
C LEU C 50 -18.17 16.25 17.23
N LEU C 51 -19.23 16.02 18.00
CA LEU C 51 -20.61 16.06 17.47
C LEU C 51 -21.06 17.49 17.13
N THR C 52 -21.05 18.37 18.13
CA THR C 52 -21.33 19.80 17.92
C THR C 52 -20.00 20.55 17.90
N PRO C 53 -19.52 20.98 16.71
CA PRO C 53 -18.18 21.57 16.63
C PRO C 53 -18.04 22.91 17.36
N VAL C 54 -16.97 23.05 18.14
CA VAL C 54 -16.73 24.26 18.93
C VAL C 54 -16.23 25.41 18.05
N GLN D 7 7.38 33.03 26.17
CA GLN D 7 6.18 32.51 25.45
C GLN D 7 6.25 32.74 23.94
N ARG D 8 6.52 33.99 23.54
CA ARG D 8 6.70 34.36 22.14
C ARG D 8 7.97 33.74 21.55
N ASN D 9 9.03 33.66 22.36
CA ASN D 9 10.27 32.99 21.98
C ASN D 9 10.08 31.47 21.86
N GLU D 10 9.30 30.89 22.78
CA GLU D 10 9.09 29.44 22.84
C GLU D 10 8.44 28.83 21.60
N GLU D 11 7.45 29.53 21.03
CA GLU D 11 6.77 29.07 19.82
C GLU D 11 7.70 29.06 18.60
N LYS D 12 8.51 30.11 18.45
CA LYS D 12 9.50 30.19 17.38
C LYS D 12 10.70 29.28 17.63
N ALA D 13 11.08 29.12 18.90
CA ALA D 13 12.23 28.26 19.28
C ALA D 13 12.06 26.81 18.84
N GLN D 14 10.87 26.24 19.10
CA GLN D 14 10.53 24.90 18.61
C GLN D 14 10.39 24.86 17.08
N ARG D 15 9.92 25.96 16.49
CA ARG D 15 9.78 26.08 15.03
C ARG D 15 11.12 26.12 14.30
N GLU D 16 12.09 26.84 14.88
CA GLU D 16 13.46 26.82 14.37
C GLU D 16 14.14 25.48 14.61
N ALA D 17 13.81 24.83 15.74
CA ALA D 17 14.26 23.47 16.03
C ALA D 17 13.61 22.43 15.10
N ASN D 18 12.36 22.67 14.70
CA ASN D 18 11.64 21.79 13.76
C ASN D 18 12.23 21.90 12.34
N LYS D 19 12.80 23.05 12.01
CA LYS D 19 13.54 23.24 10.76
C LYS D 19 14.74 22.30 10.64
N LYS D 20 15.44 22.08 11.77
CA LYS D 20 16.53 21.11 11.85
C LYS D 20 16.00 19.66 11.78
N ILE D 21 14.84 19.41 12.40
CA ILE D 21 14.15 18.13 12.28
C ILE D 21 13.71 17.86 10.85
N GLU D 22 13.15 18.89 10.20
CA GLU D 22 12.83 18.85 8.77
C GLU D 22 14.07 18.66 7.89
N LYS D 23 15.16 19.32 8.27
CA LYS D 23 16.45 19.18 7.57
C LYS D 23 17.04 17.78 7.69
N GLN D 24 16.96 17.20 8.89
CA GLN D 24 17.37 15.82 9.14
C GLN D 24 16.44 14.83 8.43
N LEU D 25 15.14 15.14 8.44
CA LEU D 25 14.12 14.34 7.76
C LEU D 25 14.26 14.38 6.23
N GLN D 26 14.52 15.57 5.69
CA GLN D 26 14.73 15.75 4.25
C GLN D 26 16.03 15.09 3.77
N LYS D 27 17.06 15.12 4.63
CA LYS D 27 18.29 14.35 4.40
C LYS D 27 18.02 12.84 4.46
N ASP D 28 17.16 12.44 5.40
CA ASP D 28 16.68 11.06 5.50
C ASP D 28 15.85 10.61 4.28
N LYS D 29 15.05 11.53 3.74
CA LYS D 29 14.25 11.26 2.52
C LYS D 29 15.12 11.05 1.28
N GLN D 30 16.25 11.75 1.20
CA GLN D 30 17.19 11.61 0.07
C GLN D 30 17.83 10.22 0.04
N VAL D 31 18.34 9.78 1.18
CA VAL D 31 18.95 8.44 1.31
C VAL D 31 17.91 7.31 1.21
N TYR D 32 16.72 7.51 1.77
CA TYR D 32 15.67 6.49 1.77
C TYR D 32 15.10 6.25 0.38
N ARG D 33 14.71 7.32 -0.31
CA ARG D 33 14.14 7.26 -1.66
C ARG D 33 15.10 6.65 -2.69
N ALA D 34 16.39 6.92 -2.50
CA ALA D 34 17.45 6.32 -3.34
C ALA D 34 17.59 4.81 -3.08
N THR D 35 17.51 4.41 -1.81
CA THR D 35 17.63 3.00 -1.43
C THR D 35 16.39 2.21 -1.83
N HIS D 36 16.60 0.95 -2.24
CA HIS D 36 15.52 0.06 -2.67
C HIS D 36 15.33 -1.10 -1.67
N ARG D 37 14.12 -1.25 -1.17
CA ARG D 37 13.76 -2.36 -0.28
C ARG D 37 13.40 -3.60 -1.11
N LEU D 38 13.77 -4.77 -0.60
CA LEU D 38 13.45 -6.06 -1.23
C LEU D 38 12.99 -7.05 -0.17
N LEU D 39 11.83 -7.67 -0.37
CA LEU D 39 11.32 -8.68 0.56
C LEU D 39 11.76 -10.05 0.05
N LEU D 40 12.90 -10.52 0.53
CA LEU D 40 13.39 -11.86 0.21
C LEU D 40 12.80 -12.87 1.18
N LEU D 41 11.69 -13.50 0.76
CA LEU D 41 11.07 -14.60 1.50
C LEU D 41 11.22 -15.88 0.69
N GLY D 42 11.27 -17.01 1.38
CA GLY D 42 11.46 -18.31 0.75
C GLY D 42 10.79 -19.43 1.53
N ALA D 43 11.57 -20.43 1.95
CA ALA D 43 11.05 -21.58 2.70
C ALA D 43 12.14 -22.31 3.47
N ASP D 44 11.74 -23.27 4.29
CA ASP D 44 12.68 -24.10 5.06
C ASP D 44 13.48 -25.01 4.13
N ASN D 45 14.79 -24.77 4.05
CA ASN D 45 15.71 -25.49 3.16
C ASN D 45 15.36 -25.26 1.69
N SER D 46 15.40 -24.01 1.27
CA SER D 46 15.08 -23.61 -0.10
C SER D 46 16.01 -22.52 -0.66
N GLY D 47 17.28 -22.53 -0.22
CA GLY D 47 18.29 -21.59 -0.71
C GLY D 47 18.03 -20.12 -0.43
N LYS D 48 17.40 -19.84 0.71
CA LYS D 48 17.14 -18.45 1.13
C LYS D 48 18.41 -17.80 1.67
N SER D 49 19.16 -18.54 2.50
CA SER D 49 20.41 -18.05 3.09
C SER D 49 21.58 -17.97 2.10
N THR D 50 21.50 -18.69 0.97
CA THR D 50 22.58 -18.76 -0.01
C THR D 50 22.80 -17.45 -0.79
N ILE D 51 21.70 -16.86 -1.25
CA ILE D 51 21.76 -15.62 -2.05
C ILE D 51 22.11 -14.43 -1.16
N VAL D 52 21.38 -14.28 -0.04
CA VAL D 52 21.61 -13.21 0.93
C VAL D 52 22.97 -13.38 1.62
N GLY D 70 22.06 -16.31 9.38
CA GLY D 70 20.70 -15.99 9.00
C GLY D 70 20.26 -14.61 9.48
N ILE D 71 20.72 -13.58 8.79
CA ILE D 71 20.43 -12.18 9.15
C ILE D 71 19.07 -11.73 8.61
N PHE D 72 18.48 -10.75 9.29
CA PHE D 72 17.23 -10.11 8.84
C PHE D 72 17.51 -9.22 7.65
N GLU D 73 18.32 -8.17 7.90
CA GLU D 73 18.51 -7.07 6.97
C GLU D 73 19.91 -7.15 6.34
N THR D 74 19.98 -6.85 5.05
CA THR D 74 21.24 -6.90 4.30
C THR D 74 21.33 -5.71 3.34
N LYS D 75 22.17 -4.73 3.69
CA LYS D 75 22.46 -3.59 2.84
C LYS D 75 23.68 -3.88 1.98
N PHE D 76 23.57 -3.64 0.67
CA PHE D 76 24.67 -3.85 -0.28
C PHE D 76 24.63 -2.84 -1.42
N GLN D 77 25.78 -2.22 -1.69
CA GLN D 77 25.91 -1.20 -2.73
C GLN D 77 26.41 -1.83 -4.02
N VAL D 78 25.59 -1.76 -5.08
CA VAL D 78 25.93 -2.33 -6.40
C VAL D 78 25.66 -1.27 -7.47
N ASP D 79 26.72 -0.86 -8.17
CA ASP D 79 26.66 0.12 -9.27
C ASP D 79 26.09 1.48 -8.83
N LYS D 80 26.54 1.95 -7.66
CA LYS D 80 26.05 3.19 -7.04
C LYS D 80 24.54 3.17 -6.73
N VAL D 81 24.04 2.00 -6.34
CA VAL D 81 22.64 1.82 -5.93
C VAL D 81 22.63 0.97 -4.65
N ASN D 82 22.24 1.58 -3.54
CA ASN D 82 22.09 0.86 -2.27
C ASN D 82 20.78 0.08 -2.27
N PHE D 83 20.85 -1.17 -1.82
CA PHE D 83 19.66 -2.01 -1.64
C PHE D 83 19.43 -2.24 -0.14
N HIS D 84 18.30 -2.85 0.19
CA HIS D 84 17.94 -3.13 1.58
C HIS D 84 17.07 -4.39 1.65
N MET D 85 17.73 -5.54 1.49
CA MET D 85 17.06 -6.83 1.37
C MET D 85 16.68 -7.37 2.74
N PHE D 86 15.38 -7.53 2.97
CA PHE D 86 14.84 -7.91 4.29
C PHE D 86 14.32 -9.35 4.30
N ASP D 87 15.00 -10.21 5.05
CA ASP D 87 14.53 -11.57 5.35
C ASP D 87 13.46 -11.49 6.45
N VAL D 88 12.61 -12.51 6.51
CA VAL D 88 11.48 -12.57 7.44
C VAL D 88 11.45 -13.93 8.15
N GLY D 89 12.56 -14.25 8.82
CA GLY D 89 12.78 -15.54 9.46
C GLY D 89 12.39 -15.63 10.92
N GLY D 90 12.64 -14.56 11.68
CA GLY D 90 12.41 -14.55 13.13
C GLY D 90 10.97 -14.73 13.56
N GLN D 91 10.06 -14.08 12.84
CA GLN D 91 8.62 -14.24 13.08
C GLN D 91 8.12 -15.61 12.62
N ARG D 92 6.90 -15.95 13.02
CA ARG D 92 6.32 -17.29 12.78
C ARG D 92 5.47 -17.32 11.50
N ASP D 93 5.22 -18.53 11.01
CA ASP D 93 4.75 -18.76 9.62
C ASP D 93 3.41 -18.13 9.20
N GLU D 94 2.55 -17.79 10.16
CA GLU D 94 1.30 -17.06 9.83
C GLU D 94 1.65 -15.67 9.29
N ARG D 95 1.52 -15.52 7.98
CA ARG D 95 2.12 -14.39 7.24
C ARG D 95 1.10 -13.57 6.43
N ARG D 96 -0.10 -13.39 6.98
CA ARG D 96 -1.14 -12.58 6.33
C ARG D 96 -1.20 -11.14 6.84
N LYS D 97 -0.67 -10.89 8.04
CA LYS D 97 -0.66 -9.54 8.63
C LYS D 97 0.70 -8.86 8.77
N TRP D 98 1.81 -9.60 8.69
CA TRP D 98 3.14 -8.98 8.62
C TRP D 98 3.66 -8.79 7.18
N ILE D 99 3.14 -9.56 6.22
CA ILE D 99 3.49 -9.37 4.80
C ILE D 99 2.88 -8.09 4.22
N GLN D 100 1.79 -7.61 4.82
CA GLN D 100 1.16 -6.32 4.46
C GLN D 100 2.11 -5.12 4.63
N CYS D 101 3.08 -5.26 5.55
CA CYS D 101 4.12 -4.26 5.75
C CYS D 101 5.05 -4.00 4.55
N PHE D 102 5.01 -4.84 3.51
CA PHE D 102 5.85 -4.69 2.31
C PHE D 102 5.01 -4.46 1.04
N ASN D 103 4.43 -3.27 0.92
CA ASN D 103 3.86 -2.78 -0.36
C ASN D 103 4.56 -1.53 -0.93
N ASP D 104 5.37 -0.86 -0.09
CA ASP D 104 6.32 0.15 -0.57
C ASP D 104 7.57 -0.50 -1.18
N VAL D 105 7.80 -1.77 -0.82
CA VAL D 105 8.87 -2.60 -1.38
C VAL D 105 8.90 -2.58 -2.92
N THR D 106 10.11 -2.61 -3.48
CA THR D 106 10.29 -2.51 -4.94
C THR D 106 10.07 -3.85 -5.64
N ALA D 107 10.63 -4.92 -5.08
CA ALA D 107 10.51 -6.26 -5.67
C ALA D 107 10.63 -7.38 -4.61
N ILE D 108 9.66 -8.29 -4.61
CA ILE D 108 9.65 -9.44 -3.70
C ILE D 108 10.48 -10.56 -4.31
N ILE D 109 11.65 -10.83 -3.74
CA ILE D 109 12.50 -11.93 -4.21
C ILE D 109 11.98 -13.25 -3.61
N PHE D 110 11.13 -13.94 -4.37
CA PHE D 110 10.55 -15.21 -3.93
C PHE D 110 11.45 -16.38 -4.36
N VAL D 111 12.20 -16.92 -3.41
CA VAL D 111 13.13 -18.03 -3.66
C VAL D 111 12.45 -19.35 -3.32
N VAL D 112 12.66 -20.38 -4.15
CA VAL D 112 12.05 -21.70 -3.96
C VAL D 112 13.01 -22.85 -4.27
N ASP D 113 12.82 -23.98 -3.59
CA ASP D 113 13.60 -25.19 -3.83
C ASP D 113 13.00 -25.94 -5.00
N SER D 114 13.76 -26.06 -6.09
CA SER D 114 13.30 -26.74 -7.30
C SER D 114 13.18 -28.26 -7.12
N SER D 115 14.07 -28.84 -6.32
CA SER D 115 14.13 -30.29 -6.11
C SER D 115 13.04 -30.84 -5.18
N ASP D 116 12.62 -30.04 -4.19
CA ASP D 116 11.67 -30.49 -3.17
C ASP D 116 10.23 -30.51 -3.69
N TYR D 117 9.88 -31.57 -4.43
CA TYR D 117 8.61 -31.68 -5.15
C TYR D 117 7.35 -31.65 -4.28
N ASN D 118 7.39 -32.33 -3.13
CA ASN D 118 6.26 -32.35 -2.20
C ASN D 118 5.96 -30.96 -1.62
N ARG D 119 7.01 -30.25 -1.21
CA ARG D 119 6.90 -28.91 -0.63
C ARG D 119 7.00 -27.76 -1.65
N LEU D 120 7.28 -28.09 -2.92
CA LEU D 120 7.20 -27.11 -4.02
C LEU D 120 5.76 -26.69 -4.32
N GLN D 121 4.81 -27.59 -4.08
CA GLN D 121 3.38 -27.29 -4.24
C GLN D 121 2.91 -26.25 -3.22
N GLU D 122 3.48 -26.30 -2.00
CA GLU D 122 3.23 -25.27 -0.98
C GLU D 122 3.75 -23.91 -1.42
N ALA D 123 4.90 -23.90 -2.11
CA ALA D 123 5.46 -22.68 -2.68
C ALA D 123 4.63 -22.11 -3.84
N LEU D 124 4.02 -22.99 -4.64
CA LEU D 124 3.08 -22.57 -5.69
C LEU D 124 1.82 -21.93 -5.11
N ASN D 125 1.32 -22.50 -4.01
CA ASN D 125 0.19 -21.92 -3.26
C ASN D 125 0.59 -20.60 -2.59
N LEU D 126 1.82 -20.56 -2.06
CA LEU D 126 2.38 -19.34 -1.48
C LEU D 126 2.57 -18.23 -2.52
N PHE D 127 2.97 -18.62 -3.73
CA PHE D 127 3.10 -17.68 -4.85
C PHE D 127 1.73 -17.12 -5.25
N LYS D 128 0.73 -18.00 -5.36
CA LYS D 128 -0.64 -17.59 -5.69
C LYS D 128 -1.27 -16.67 -4.64
N SER D 129 -0.91 -16.87 -3.38
CA SER D 129 -1.36 -15.99 -2.29
C SER D 129 -0.69 -14.62 -2.38
N ILE D 130 0.63 -14.61 -2.54
CA ILE D 130 1.43 -13.38 -2.68
C ILE D 130 1.02 -12.60 -3.94
N TRP D 131 0.77 -13.31 -5.05
CA TRP D 131 0.43 -12.67 -6.32
C TRP D 131 -0.97 -12.06 -6.32
N ASN D 132 -1.95 -12.78 -5.77
CA ASN D 132 -3.36 -12.35 -5.76
C ASN D 132 -3.80 -11.56 -4.51
N ASN D 133 -2.86 -11.24 -3.60
CA ASN D 133 -3.14 -10.35 -2.47
C ASN D 133 -3.37 -8.93 -2.99
N ARG D 134 -4.26 -8.20 -2.32
CA ARG D 134 -4.60 -6.83 -2.73
C ARG D 134 -3.43 -5.86 -2.51
N TRP D 135 -2.75 -6.00 -1.38
CA TRP D 135 -1.67 -5.08 -0.99
C TRP D 135 -0.36 -5.40 -1.72
N LEU D 136 -0.16 -6.69 -2.06
CA LEU D 136 0.97 -7.13 -2.87
C LEU D 136 0.63 -7.25 -4.37
N ARG D 137 -0.45 -6.59 -4.80
CA ARG D 137 -0.88 -6.60 -6.21
C ARG D 137 0.02 -5.75 -7.10
N THR D 138 0.58 -4.67 -6.55
CA THR D 138 1.46 -3.77 -7.31
C THR D 138 2.93 -4.23 -7.38
N ILE D 139 3.29 -5.29 -6.65
CA ILE D 139 4.69 -5.69 -6.48
C ILE D 139 5.10 -6.79 -7.47
N SER D 140 6.24 -6.58 -8.13
CA SER D 140 6.82 -7.58 -9.03
C SER D 140 7.62 -8.60 -8.23
N VAL D 141 7.58 -9.86 -8.67
CA VAL D 141 8.22 -10.98 -7.96
C VAL D 141 9.41 -11.54 -8.75
N ILE D 142 10.63 -11.24 -8.29
CA ILE D 142 11.85 -11.79 -8.89
C ILE D 142 12.01 -13.23 -8.40
N LEU D 143 11.48 -14.17 -9.17
CA LEU D 143 11.47 -15.59 -8.80
C LEU D 143 12.84 -16.24 -9.02
N PHE D 144 13.37 -16.86 -7.96
CA PHE D 144 14.61 -17.65 -8.03
C PHE D 144 14.31 -19.12 -7.78
N LEU D 145 14.32 -19.92 -8.84
CA LEU D 145 14.18 -21.38 -8.72
C LEU D 145 15.51 -21.96 -8.28
N ASN D 146 15.75 -21.93 -6.96
CA ASN D 146 17.05 -22.33 -6.40
C ASN D 146 17.21 -23.85 -6.40
N LYS D 147 18.47 -24.30 -6.37
CA LYS D 147 18.84 -25.72 -6.43
C LYS D 147 18.52 -26.32 -7.80
N GLN D 148 19.01 -25.64 -8.85
CA GLN D 148 18.76 -26.05 -10.23
C GLN D 148 19.67 -27.21 -10.64
N ASP D 149 20.94 -27.14 -10.26
CA ASP D 149 21.88 -28.24 -10.50
C ASP D 149 21.55 -29.46 -9.63
N LEU D 150 20.97 -29.22 -8.45
CA LEU D 150 20.52 -30.30 -7.57
C LEU D 150 19.18 -30.91 -8.03
N LEU D 151 18.36 -30.12 -8.72
CA LEU D 151 17.19 -30.64 -9.44
C LEU D 151 17.62 -31.61 -10.54
N ALA D 152 18.63 -31.21 -11.31
CA ALA D 152 19.19 -32.03 -12.40
C ALA D 152 19.71 -33.40 -11.94
N GLU D 153 20.19 -33.47 -10.69
CA GLU D 153 20.61 -34.74 -10.10
C GLU D 153 19.43 -35.69 -9.86
N LYS D 154 18.32 -35.14 -9.37
CA LYS D 154 17.11 -35.93 -9.11
C LYS D 154 16.36 -36.33 -10.38
N VAL D 155 16.31 -35.44 -11.36
CA VAL D 155 15.59 -35.68 -12.62
C VAL D 155 16.26 -36.76 -13.48
N LEU D 156 17.59 -36.68 -13.62
CA LEU D 156 18.36 -37.68 -14.38
C LEU D 156 18.36 -39.07 -13.73
N ALA D 157 18.26 -39.12 -12.41
CA ALA D 157 18.09 -40.38 -11.67
C ALA D 157 16.75 -41.03 -11.99
N GLY D 158 15.68 -40.22 -11.91
CA GLY D 158 14.33 -40.67 -12.25
C GLY D 158 13.70 -41.60 -11.23
N LYS D 159 14.02 -41.40 -9.96
CA LYS D 159 13.44 -42.20 -8.87
C LYS D 159 12.06 -41.64 -8.52
N SER D 160 12.03 -40.36 -8.15
CA SER D 160 10.81 -39.63 -7.87
C SER D 160 10.34 -38.92 -9.15
N LYS D 161 9.37 -39.52 -9.84
CA LYS D 161 8.87 -38.98 -11.11
C LYS D 161 8.05 -37.71 -10.89
N ILE D 162 8.16 -36.78 -11.83
CA ILE D 162 7.44 -35.49 -11.78
C ILE D 162 5.95 -35.70 -12.03
N GLU D 163 5.59 -36.68 -12.87
CA GLU D 163 4.20 -36.98 -13.21
C GLU D 163 3.31 -37.36 -12.02
N ASP D 164 3.89 -37.97 -10.99
CA ASP D 164 3.15 -38.33 -9.77
C ASP D 164 2.72 -37.10 -8.97
N TYR D 165 3.62 -36.12 -8.85
CA TYR D 165 3.36 -34.88 -8.11
C TYR D 165 2.81 -33.75 -8.98
N PHE D 166 2.94 -33.89 -10.30
CA PHE D 166 2.38 -32.94 -11.28
C PHE D 166 2.01 -33.67 -12.58
N PRO D 167 0.77 -34.23 -12.65
CA PRO D 167 0.27 -34.97 -13.83
C PRO D 167 0.32 -34.24 -15.18
N GLU D 168 0.30 -32.90 -15.17
CA GLU D 168 0.41 -32.10 -16.40
C GLU D 168 1.78 -32.22 -17.11
N PHE D 169 2.82 -32.64 -16.38
CA PHE D 169 4.16 -32.82 -16.96
C PHE D 169 4.24 -33.90 -18.04
N ALA D 170 3.50 -34.99 -17.86
CA ALA D 170 3.45 -36.09 -18.83
C ALA D 170 2.95 -35.65 -20.22
N ARG D 171 2.09 -34.64 -20.25
CA ARG D 171 1.61 -34.04 -21.51
C ARG D 171 2.14 -32.60 -21.70
N TYR D 172 3.39 -32.36 -21.28
CA TYR D 172 4.05 -31.06 -21.43
C TYR D 172 5.37 -31.22 -22.18
N THR D 173 5.47 -30.55 -23.33
CA THR D 173 6.71 -30.51 -24.11
C THR D 173 7.54 -29.28 -23.73
N THR D 174 8.79 -29.26 -24.20
CA THR D 174 9.72 -28.16 -23.93
C THR D 174 9.31 -26.89 -24.70
N PRO D 175 9.49 -25.69 -24.12
CA PRO D 175 9.25 -24.46 -24.88
C PRO D 175 10.23 -24.25 -26.05
N GLU D 176 9.74 -23.61 -27.11
CA GLU D 176 10.56 -23.30 -28.28
C GLU D 176 11.56 -22.17 -28.01
N ASP D 177 11.14 -21.17 -27.23
CA ASP D 177 11.98 -20.04 -26.85
C ASP D 177 12.95 -20.32 -25.69
N ALA D 178 12.92 -21.54 -25.13
CA ALA D 178 13.84 -21.96 -24.08
C ALA D 178 15.30 -21.93 -24.56
N THR D 179 16.20 -21.50 -23.66
CA THR D 179 17.63 -21.38 -23.96
C THR D 179 18.46 -21.98 -22.80
N PRO D 180 18.65 -23.32 -22.82
CA PRO D 180 19.48 -23.96 -21.79
C PRO D 180 20.98 -23.70 -21.98
N GLU D 181 21.76 -23.96 -20.93
CA GLU D 181 23.22 -23.82 -20.99
C GLU D 181 23.83 -24.99 -21.77
N PRO D 182 25.08 -24.83 -22.27
CA PRO D 182 25.73 -25.93 -23.00
C PRO D 182 25.97 -27.18 -22.13
N GLY D 183 25.71 -28.35 -22.70
CA GLY D 183 25.82 -29.61 -21.98
C GLY D 183 24.67 -29.91 -21.03
N GLU D 184 23.51 -29.30 -21.29
CA GLU D 184 22.29 -29.55 -20.50
C GLU D 184 21.39 -30.52 -21.26
N ASP D 185 20.91 -31.54 -20.56
CA ASP D 185 20.11 -32.60 -21.19
C ASP D 185 18.67 -32.12 -21.44
N PRO D 186 18.06 -32.52 -22.58
CA PRO D 186 16.62 -32.26 -22.83
C PRO D 186 15.67 -32.82 -21.76
N ARG D 187 16.06 -33.91 -21.10
CA ARG D 187 15.32 -34.47 -19.96
C ARG D 187 15.26 -33.46 -18.80
N VAL D 188 16.41 -32.85 -18.49
CA VAL D 188 16.50 -31.83 -17.44
C VAL D 188 15.85 -30.51 -17.91
N THR D 189 16.02 -30.19 -19.19
CA THR D 189 15.40 -28.99 -19.79
C THR D 189 13.88 -28.99 -19.69
N ARG D 190 13.26 -30.15 -19.89
CA ARG D 190 11.81 -30.31 -19.75
C ARG D 190 11.37 -30.01 -18.32
N ALA D 191 12.08 -30.60 -17.34
CA ALA D 191 11.83 -30.36 -15.92
C ALA D 191 12.16 -28.92 -15.49
N LYS D 192 13.20 -28.33 -16.08
CA LYS D 192 13.60 -26.96 -15.78
C LYS D 192 12.51 -25.94 -16.10
N TYR D 193 12.02 -25.98 -17.34
CA TYR D 193 11.02 -25.02 -17.83
C TYR D 193 9.57 -25.34 -17.46
N PHE D 194 9.33 -26.53 -16.90
CA PHE D 194 7.99 -26.88 -16.38
C PHE D 194 7.69 -26.27 -15.01
N ILE D 195 8.70 -26.23 -14.14
CA ILE D 195 8.56 -25.61 -12.80
C ILE D 195 8.16 -24.14 -12.98
N ARG D 196 8.82 -23.46 -13.92
CA ARG D 196 8.44 -22.11 -14.36
C ARG D 196 6.95 -22.02 -14.76
N ASP D 197 6.52 -22.94 -15.61
CA ASP D 197 5.16 -22.96 -16.16
C ASP D 197 4.05 -22.78 -15.13
N GLU D 198 4.14 -23.55 -14.03
CA GLU D 198 3.15 -23.47 -12.94
C GLU D 198 3.20 -22.14 -12.18
N PHE D 199 4.39 -21.56 -12.03
CA PHE D 199 4.55 -20.23 -11.44
C PHE D 199 4.03 -19.13 -12.39
N LEU D 200 4.45 -19.18 -13.65
CA LEU D 200 4.04 -18.18 -14.65
C LEU D 200 2.59 -18.33 -15.15
N ARG D 201 1.98 -19.49 -14.93
CA ARG D 201 0.53 -19.66 -15.15
C ARG D 201 -0.26 -18.75 -14.20
N ILE D 202 0.19 -18.69 -12.95
CA ILE D 202 -0.41 -17.82 -11.93
C ILE D 202 -0.09 -16.34 -12.21
N SER D 203 1.12 -16.07 -12.71
CA SER D 203 1.53 -14.71 -13.08
C SER D 203 0.69 -14.11 -14.20
N THR D 204 0.46 -14.88 -15.26
CA THR D 204 -0.35 -14.45 -16.39
C THR D 204 -1.86 -14.40 -16.11
N ALA D 205 -2.31 -15.11 -15.07
CA ALA D 205 -3.73 -15.19 -14.71
C ALA D 205 -4.35 -13.92 -14.10
N SER D 206 -3.52 -12.93 -13.76
CA SER D 206 -4.03 -11.64 -13.23
C SER D 206 -4.89 -10.89 -14.24
N GLY D 207 -4.32 -10.65 -15.43
CA GLY D 207 -4.99 -9.89 -16.47
C GLY D 207 -5.07 -8.41 -16.12
N ASP D 208 -3.91 -7.82 -15.82
CA ASP D 208 -3.81 -6.44 -15.36
C ASP D 208 -2.58 -5.74 -15.94
N GLY D 209 -1.40 -6.27 -15.63
CA GLY D 209 -0.13 -5.69 -16.07
C GLY D 209 0.44 -4.66 -15.11
N ARG D 210 0.12 -4.79 -13.83
CA ARG D 210 0.66 -3.93 -12.77
C ARG D 210 2.01 -4.45 -12.25
N HIS D 211 2.32 -5.72 -12.54
CA HIS D 211 3.52 -6.37 -12.02
C HIS D 211 3.84 -7.66 -12.80
N TYR D 212 5.12 -7.94 -12.98
CA TYR D 212 5.59 -9.06 -13.80
C TYR D 212 6.58 -9.96 -13.04
N CYS D 213 6.46 -11.27 -13.26
CA CYS D 213 7.35 -12.25 -12.63
C CYS D 213 8.61 -12.42 -13.47
N TYR D 214 9.76 -12.43 -12.80
CA TYR D 214 11.07 -12.58 -13.44
C TYR D 214 11.73 -13.88 -12.97
N PRO D 215 11.51 -15.00 -13.70
CA PRO D 215 12.07 -16.29 -13.27
C PRO D 215 13.56 -16.42 -13.58
N HIS D 216 14.29 -17.05 -12.66
CA HIS D 216 15.73 -17.28 -12.80
C HIS D 216 16.10 -18.67 -12.28
N PHE D 217 17.00 -19.34 -13.00
CA PHE D 217 17.48 -20.67 -12.63
C PHE D 217 18.82 -20.51 -11.92
N THR D 218 18.86 -20.92 -10.64
CA THR D 218 19.95 -20.55 -9.72
C THR D 218 20.38 -21.73 -8.84
N CYS D 219 21.64 -21.67 -8.40
CA CYS D 219 22.19 -22.54 -7.37
C CYS D 219 22.97 -21.71 -6.34
N ALA D 220 23.44 -22.36 -5.28
CA ALA D 220 24.26 -21.71 -4.26
C ALA D 220 25.64 -21.32 -4.80
N VAL D 221 26.24 -22.20 -5.61
CA VAL D 221 27.54 -21.95 -6.22
C VAL D 221 27.51 -20.84 -7.27
N ASP D 222 26.40 -20.73 -8.01
CA ASP D 222 26.22 -19.66 -9.00
C ASP D 222 26.11 -18.30 -8.30
N THR D 223 27.20 -17.54 -8.33
CA THR D 223 27.35 -16.32 -7.52
C THR D 223 26.57 -15.11 -8.01
N GLU D 224 26.48 -14.92 -9.33
CA GLU D 224 25.90 -13.69 -9.92
C GLU D 224 24.35 -13.66 -9.88
N ASN D 225 23.82 -13.50 -8.66
CA ASN D 225 22.37 -13.40 -8.41
C ASN D 225 21.93 -11.96 -8.12
N ALA D 226 22.78 -11.19 -7.43
CA ALA D 226 22.55 -9.75 -7.24
C ALA D 226 22.55 -8.97 -8.55
N ARG D 227 23.29 -9.44 -9.54
CA ARG D 227 23.28 -8.88 -10.90
C ARG D 227 21.94 -9.16 -11.59
N ARG D 228 21.42 -10.38 -11.38
CA ARG D 228 20.09 -10.76 -11.88
C ARG D 228 18.96 -9.94 -11.25
N ILE D 229 19.10 -9.63 -9.95
CA ILE D 229 18.17 -8.74 -9.25
C ILE D 229 18.28 -7.31 -9.78
N PHE D 230 19.51 -6.86 -10.03
CA PHE D 230 19.79 -5.51 -10.57
C PHE D 230 19.13 -5.30 -11.93
N ASN D 231 19.29 -6.28 -12.82
CA ASN D 231 18.67 -6.24 -14.15
C ASN D 231 17.15 -6.42 -14.12
N ASP D 232 16.67 -7.20 -13.14
CA ASP D 232 15.23 -7.39 -12.93
C ASP D 232 14.57 -6.12 -12.37
N CYS D 233 15.13 -5.59 -11.29
CA CYS D 233 14.67 -4.33 -10.68
C CYS D 233 14.73 -3.13 -11.62
N ARG D 234 15.70 -3.14 -12.54
CA ARG D 234 15.80 -2.14 -13.61
C ARG D 234 14.55 -2.14 -14.47
N ASP D 235 14.14 -3.33 -14.93
CA ASP D 235 12.97 -3.49 -15.81
C ASP D 235 11.63 -3.21 -15.10
N ILE D 236 11.57 -3.42 -13.78
CA ILE D 236 10.35 -3.18 -13.01
C ILE D 236 10.09 -1.67 -12.90
N ILE D 237 11.07 -0.94 -12.38
CA ILE D 237 10.96 0.53 -12.22
C ILE D 237 10.97 1.28 -13.57
N GLN D 238 11.57 0.68 -14.61
CA GLN D 238 11.37 1.14 -15.99
C GLN D 238 9.90 1.00 -16.39
N ARG D 239 9.36 -0.18 -16.15
CA ARG D 239 7.94 -0.47 -16.39
C ARG D 239 7.02 0.45 -15.60
N MET D 240 7.41 0.75 -14.36
CA MET D 240 6.67 1.69 -13.50
C MET D 240 6.62 3.12 -14.07
N HIS D 241 7.75 3.57 -14.62
CA HIS D 241 7.83 4.90 -15.25
C HIS D 241 7.07 4.94 -16.59
N LEU D 242 7.34 3.96 -17.46
CA LEU D 242 6.61 3.81 -18.74
C LEU D 242 5.09 3.70 -18.57
N ARG D 243 4.67 2.92 -17.57
CA ARG D 243 3.25 2.79 -17.20
C ARG D 243 2.61 4.07 -16.68
N GLN D 244 3.40 4.90 -15.99
CA GLN D 244 2.91 6.17 -15.49
C GLN D 244 2.50 7.09 -16.65
N TYR D 245 3.30 7.08 -17.70
CA TYR D 245 3.10 7.96 -18.86
C TYR D 245 2.14 7.36 -19.89
N GLU D 246 1.59 6.17 -19.59
CA GLU D 246 0.72 5.41 -20.51
C GLU D 246 1.41 5.18 -21.86
N LEU D 247 2.45 4.36 -21.82
CA LEU D 247 3.36 4.16 -22.97
C LEU D 247 3.68 2.70 -23.34
N LEU D 248 2.99 1.73 -22.74
CA LEU D 248 3.18 0.31 -23.09
C LEU D 248 1.90 -0.50 -22.89
N GLN E 23 -19.47 -19.88 16.89
CA GLN E 23 -18.08 -19.42 17.19
C GLN E 23 -17.06 -19.91 16.15
N VAL E 24 -17.25 -19.44 14.91
CA VAL E 24 -16.37 -19.74 13.75
C VAL E 24 -15.86 -21.19 13.65
N GLN E 25 -16.72 -22.15 13.94
CA GLN E 25 -16.37 -23.58 13.93
C GLN E 25 -16.65 -24.23 12.57
N LEU E 26 -15.81 -25.20 12.21
CA LEU E 26 -16.03 -26.04 11.04
C LEU E 26 -15.98 -27.50 11.51
N GLN E 27 -17.08 -28.23 11.32
CA GLN E 27 -17.22 -29.61 11.81
C GLN E 27 -17.12 -30.61 10.66
N GLU E 28 -16.04 -31.41 10.66
CA GLU E 28 -15.82 -32.41 9.61
C GLU E 28 -16.65 -33.67 9.88
N SER E 29 -17.65 -33.91 9.03
CA SER E 29 -18.42 -35.16 9.04
C SER E 29 -17.79 -36.17 8.08
N GLY E 30 -18.23 -37.42 8.17
CA GLY E 30 -17.66 -38.51 7.38
C GLY E 30 -16.28 -38.90 7.86
N GLY E 31 -15.49 -39.52 6.97
CA GLY E 31 -14.13 -39.92 7.28
C GLY E 31 -14.06 -41.23 8.07
N GLY E 32 -13.09 -42.06 7.74
CA GLY E 32 -12.92 -43.36 8.39
C GLY E 32 -12.04 -44.31 7.61
N LEU E 33 -12.24 -45.61 7.82
CA LEU E 33 -11.47 -46.65 7.14
C LEU E 33 -12.11 -47.04 5.82
N VAL E 34 -11.27 -47.32 4.83
CA VAL E 34 -11.71 -47.77 3.50
C VAL E 34 -10.58 -48.50 2.78
N GLN E 35 -10.93 -49.48 1.96
CA GLN E 35 -9.93 -50.29 1.23
C GLN E 35 -9.25 -49.47 0.13
N PRO E 36 -8.01 -49.87 -0.27
CA PRO E 36 -7.28 -49.14 -1.31
C PRO E 36 -7.87 -49.36 -2.69
N GLY E 37 -8.18 -48.26 -3.38
CA GLY E 37 -8.89 -48.29 -4.67
C GLY E 37 -10.36 -47.93 -4.60
N GLY E 38 -10.91 -47.82 -3.38
CA GLY E 38 -12.32 -47.50 -3.17
C GLY E 38 -12.62 -46.02 -3.24
N SER E 39 -13.59 -45.58 -2.44
CA SER E 39 -14.01 -44.17 -2.40
C SER E 39 -14.56 -43.77 -1.03
N LEU E 40 -14.56 -42.47 -0.76
CA LEU E 40 -15.03 -41.91 0.51
C LEU E 40 -15.34 -40.42 0.38
N ARG E 41 -16.61 -40.06 0.65
CA ARG E 41 -17.08 -38.67 0.49
C ARG E 41 -17.08 -37.92 1.82
N LEU E 42 -16.11 -37.02 1.99
CA LEU E 42 -16.05 -36.14 3.16
C LEU E 42 -17.07 -35.00 3.02
N SER E 43 -17.56 -34.53 4.17
CA SER E 43 -18.53 -33.43 4.22
C SER E 43 -18.29 -32.58 5.47
N CYS E 44 -17.93 -31.31 5.27
CA CYS E 44 -17.58 -30.40 6.38
C CYS E 44 -18.68 -29.38 6.63
N ALA E 45 -19.36 -29.52 7.77
CA ALA E 45 -20.44 -28.60 8.17
C ALA E 45 -19.87 -27.31 8.74
N ALA E 46 -20.10 -26.20 8.04
CA ALA E 46 -19.60 -24.88 8.44
C ALA E 46 -20.67 -24.07 9.18
N SER E 47 -20.22 -23.20 10.09
CA SER E 47 -21.13 -22.35 10.88
C SER E 47 -20.40 -21.16 11.49
N GLY E 48 -21.17 -20.15 11.90
CA GLY E 48 -20.63 -18.95 12.57
C GLY E 48 -20.21 -17.80 11.67
N PHE E 49 -20.38 -17.95 10.34
CA PHE E 49 -20.05 -16.88 9.39
C PHE E 49 -20.76 -17.10 8.04
N THR E 50 -20.70 -16.08 7.18
CA THR E 50 -21.29 -16.14 5.85
C THR E 50 -20.40 -17.01 4.93
N PHE E 51 -20.85 -18.23 4.65
CA PHE E 51 -20.07 -19.24 3.93
C PHE E 51 -19.76 -18.87 2.47
N SER E 52 -20.68 -18.17 1.81
CA SER E 52 -20.53 -17.81 0.40
C SER E 52 -19.41 -16.80 0.11
N ASN E 53 -19.02 -16.02 1.12
CA ASN E 53 -18.04 -14.94 0.94
C ASN E 53 -16.57 -15.40 0.96
N TYR E 54 -16.31 -16.62 1.41
CA TYR E 54 -14.93 -17.11 1.61
C TYR E 54 -14.51 -18.18 0.60
N LYS E 55 -13.23 -18.17 0.26
CA LYS E 55 -12.61 -19.23 -0.53
C LYS E 55 -12.33 -20.41 0.41
N MET E 56 -12.77 -21.60 0.03
CA MET E 56 -12.62 -22.80 0.85
C MET E 56 -11.55 -23.73 0.29
N ASN E 57 -10.95 -24.54 1.17
CA ASN E 57 -9.95 -25.54 0.77
C ASN E 57 -9.78 -26.64 1.81
N TRP E 58 -9.24 -27.78 1.36
CA TRP E 58 -8.92 -28.91 2.24
C TRP E 58 -7.42 -29.01 2.47
N VAL E 59 -7.05 -29.36 3.71
CA VAL E 59 -5.65 -29.53 4.13
C VAL E 59 -5.54 -30.89 4.83
N ARG E 60 -4.57 -31.70 4.42
CA ARG E 60 -4.37 -33.05 4.97
C ARG E 60 -3.06 -33.16 5.74
N GLN E 61 -3.06 -33.99 6.78
CA GLN E 61 -1.89 -34.25 7.61
C GLN E 61 -1.66 -35.76 7.72
N ALA E 62 -0.62 -36.26 7.04
CA ALA E 62 -0.30 -37.69 7.02
C ALA E 62 0.34 -38.15 8.33
N PRO E 63 0.38 -39.48 8.59
CA PRO E 63 1.08 -40.00 9.78
C PRO E 63 2.56 -39.65 9.84
N GLY E 64 2.95 -38.82 10.81
CA GLY E 64 4.34 -38.39 10.99
C GLY E 64 4.81 -37.46 9.89
N LYS E 65 4.01 -36.44 9.60
CA LYS E 65 4.31 -35.47 8.54
C LYS E 65 3.64 -34.12 8.80
N GLY E 66 4.15 -33.09 8.12
CA GLY E 66 3.57 -31.74 8.18
C GLY E 66 2.33 -31.62 7.32
N LEU E 67 1.62 -30.52 7.50
CA LEU E 67 0.37 -30.26 6.77
C LEU E 67 0.66 -29.82 5.34
N GLU E 68 -0.21 -30.21 4.41
CA GLU E 68 -0.08 -29.86 2.99
C GLU E 68 -1.43 -29.58 2.34
N TRP E 69 -1.44 -28.64 1.40
CA TRP E 69 -2.64 -28.23 0.68
C TRP E 69 -3.07 -29.32 -0.31
N VAL E 70 -4.37 -29.60 -0.34
CA VAL E 70 -4.95 -30.68 -1.17
C VAL E 70 -5.67 -30.08 -2.38
N SER E 71 -6.70 -29.27 -2.12
CA SER E 71 -7.54 -28.69 -3.17
C SER E 71 -8.35 -27.52 -2.63
N ASP E 72 -8.57 -26.50 -3.47
CA ASP E 72 -9.33 -25.30 -3.11
C ASP E 72 -10.53 -25.09 -4.04
N ILE E 73 -11.40 -24.17 -3.65
CA ILE E 73 -12.57 -23.80 -4.44
C ILE E 73 -12.95 -22.33 -4.20
N SER E 74 -13.33 -21.64 -5.28
CA SER E 74 -13.62 -20.20 -5.23
C SER E 74 -14.96 -19.90 -4.55
N GLN E 75 -15.23 -18.61 -4.34
CA GLN E 75 -16.47 -18.14 -3.68
C GLN E 75 -17.71 -18.55 -4.47
N SER E 76 -17.70 -18.28 -5.78
CA SER E 76 -18.78 -18.66 -6.68
C SER E 76 -18.85 -20.17 -6.91
N GLY E 77 -17.69 -20.83 -6.91
CA GLY E 77 -17.58 -22.27 -7.17
C GLY E 77 -17.29 -22.53 -8.63
N ALA E 78 -16.21 -21.92 -9.12
CA ALA E 78 -15.80 -22.00 -10.53
C ALA E 78 -14.30 -22.25 -10.66
N SER E 79 -13.49 -21.30 -10.17
CA SER E 79 -12.03 -21.41 -10.21
C SER E 79 -11.52 -22.44 -9.20
N ILE E 80 -11.59 -23.71 -9.59
CA ILE E 80 -11.20 -24.84 -8.75
C ILE E 80 -9.77 -25.28 -9.12
N SER E 81 -9.00 -25.67 -8.10
CA SER E 81 -7.63 -26.17 -8.28
C SER E 81 -7.36 -27.37 -7.38
N TYR E 82 -6.40 -28.21 -7.80
CA TYR E 82 -6.03 -29.43 -7.06
C TYR E 82 -4.51 -29.56 -6.95
N THR E 83 -4.09 -30.40 -6.01
CA THR E 83 -2.70 -30.85 -5.93
C THR E 83 -2.51 -32.01 -6.92
N GLY E 84 -1.30 -32.13 -7.45
CA GLY E 84 -1.00 -33.13 -8.49
C GLY E 84 -1.20 -34.58 -8.08
N SER E 85 -0.87 -34.90 -6.83
CA SER E 85 -1.13 -36.21 -6.25
C SER E 85 -2.62 -36.60 -6.25
N VAL E 86 -3.50 -35.61 -6.08
CA VAL E 86 -4.97 -35.82 -6.07
C VAL E 86 -5.68 -35.29 -7.33
N LYS E 87 -4.95 -35.10 -8.42
CA LYS E 87 -5.48 -34.44 -9.62
C LYS E 87 -6.23 -35.45 -10.48
N GLY E 88 -7.55 -35.25 -10.63
CA GLY E 88 -8.41 -36.18 -11.37
C GLY E 88 -9.13 -37.18 -10.48
N ARG E 89 -8.45 -37.65 -9.43
CA ARG E 89 -9.00 -38.66 -8.52
C ARG E 89 -9.99 -38.01 -7.54
N PHE E 90 -9.56 -36.94 -6.88
CA PHE E 90 -10.39 -36.19 -5.93
C PHE E 90 -11.29 -35.20 -6.67
N THR E 91 -12.39 -34.80 -6.02
CA THR E 91 -13.32 -33.80 -6.57
C THR E 91 -13.89 -32.94 -5.43
N ILE E 92 -13.60 -31.63 -5.48
CA ILE E 92 -14.10 -30.68 -4.48
C ILE E 92 -15.40 -30.03 -4.97
N SER E 93 -16.27 -29.69 -4.03
CA SER E 93 -17.51 -28.94 -4.30
C SER E 93 -18.03 -28.30 -3.02
N ARG E 94 -19.00 -27.39 -3.17
CA ARG E 94 -19.53 -26.62 -2.03
C ARG E 94 -21.01 -26.27 -2.17
N ASP E 95 -21.70 -26.25 -1.05
CA ASP E 95 -23.11 -25.83 -0.96
C ASP E 95 -23.15 -24.48 -0.22
N ASN E 96 -23.29 -23.40 -0.98
CA ASN E 96 -23.30 -22.04 -0.41
C ASN E 96 -24.58 -21.70 0.35
N ALA E 97 -25.69 -22.38 0.05
CA ALA E 97 -26.98 -22.12 0.71
C ALA E 97 -27.00 -22.61 2.16
N LYS E 98 -26.73 -23.90 2.34
CA LYS E 98 -26.76 -24.55 3.66
C LYS E 98 -25.43 -24.40 4.45
N ASN E 99 -24.40 -23.85 3.82
CA ASN E 99 -23.10 -23.57 4.46
C ASN E 99 -22.34 -24.86 4.80
N THR E 100 -21.72 -25.45 3.79
CA THR E 100 -20.94 -26.68 3.95
C THR E 100 -20.03 -26.96 2.74
N LEU E 101 -18.93 -27.68 3.00
CA LEU E 101 -17.94 -28.04 1.98
C LEU E 101 -17.91 -29.56 1.79
N TYR E 102 -17.55 -30.01 0.58
CA TYR E 102 -17.48 -31.43 0.22
C TYR E 102 -16.12 -31.81 -0.34
N LEU E 103 -15.85 -33.12 -0.37
CA LEU E 103 -14.68 -33.68 -1.06
C LEU E 103 -14.91 -35.16 -1.39
N GLN E 104 -15.45 -35.41 -2.58
CA GLN E 104 -15.70 -36.77 -3.06
C GLN E 104 -14.39 -37.43 -3.52
N MET E 105 -13.73 -38.13 -2.60
CA MET E 105 -12.46 -38.80 -2.89
C MET E 105 -12.73 -40.16 -3.53
N ASN E 106 -12.10 -40.41 -4.69
CA ASN E 106 -12.24 -41.67 -5.41
C ASN E 106 -10.86 -42.27 -5.69
N SER E 107 -10.80 -43.59 -5.78
CA SER E 107 -9.56 -44.35 -6.00
C SER E 107 -8.46 -43.99 -5.00
N LEU E 108 -8.73 -44.25 -3.72
CA LEU E 108 -7.82 -43.88 -2.63
C LEU E 108 -6.61 -44.82 -2.58
N LYS E 109 -5.41 -44.23 -2.57
CA LYS E 109 -4.15 -44.98 -2.47
C LYS E 109 -3.70 -45.05 -1.01
N PRO E 110 -2.72 -45.93 -0.69
CA PRO E 110 -2.16 -45.98 0.67
C PRO E 110 -1.50 -44.67 1.16
N GLU E 111 -0.94 -43.89 0.24
CA GLU E 111 -0.35 -42.58 0.57
C GLU E 111 -1.37 -41.52 1.03
N ASP E 112 -2.63 -41.67 0.62
CA ASP E 112 -3.69 -40.70 0.94
C ASP E 112 -4.15 -40.69 2.41
N THR E 113 -3.78 -41.70 3.19
CA THR E 113 -4.09 -41.74 4.63
C THR E 113 -3.61 -40.47 5.36
N ALA E 114 -4.56 -39.71 5.90
CA ALA E 114 -4.29 -38.43 6.56
C ALA E 114 -5.50 -37.89 7.31
N VAL E 115 -5.25 -36.91 8.18
CA VAL E 115 -6.32 -36.18 8.88
C VAL E 115 -6.73 -34.99 8.02
N TYR E 116 -7.82 -35.15 7.26
CA TYR E 116 -8.29 -34.11 6.34
C TYR E 116 -9.07 -33.03 7.06
N TYR E 117 -8.46 -31.85 7.17
CA TYR E 117 -9.11 -30.65 7.74
C TYR E 117 -9.70 -29.82 6.61
N CYS E 118 -10.98 -29.44 6.73
CA CYS E 118 -11.56 -28.42 5.85
C CYS E 118 -11.18 -27.06 6.46
N ALA E 119 -10.67 -26.16 5.63
CA ALA E 119 -10.09 -24.90 6.09
C ALA E 119 -10.54 -23.71 5.24
N ARG E 120 -11.29 -22.80 5.84
CA ARG E 120 -11.69 -21.56 5.19
C ARG E 120 -10.51 -20.58 5.18
N CYS E 121 -10.38 -19.82 4.08
CA CYS E 121 -9.33 -18.81 3.94
C CYS E 121 -9.62 -17.61 4.84
N PRO E 122 -8.58 -16.84 5.22
CA PRO E 122 -8.74 -15.86 6.30
C PRO E 122 -9.63 -14.65 5.96
N ALA E 123 -9.37 -14.01 4.82
CA ALA E 123 -10.12 -12.83 4.39
C ALA E 123 -11.23 -13.21 3.40
N PRO E 124 -12.39 -12.50 3.44
CA PRO E 124 -13.42 -12.64 2.42
C PRO E 124 -13.20 -11.66 1.25
N PHE E 125 -13.92 -11.89 0.15
CA PHE E 125 -13.80 -11.10 -1.09
C PHE E 125 -12.36 -11.03 -1.60
N THR E 126 -11.78 -12.20 -1.89
CA THR E 126 -10.37 -12.28 -2.30
C THR E 126 -10.01 -13.61 -2.99
N ARG E 127 -8.75 -13.72 -3.39
CA ARG E 127 -8.19 -14.96 -3.95
C ARG E 127 -6.79 -15.27 -3.42
N ASP E 128 -6.52 -14.91 -2.16
CA ASP E 128 -5.26 -15.26 -1.48
C ASP E 128 -5.55 -15.91 -0.12
N CYS E 129 -4.72 -16.89 0.24
CA CYS E 129 -4.88 -17.66 1.49
C CYS E 129 -3.53 -17.98 2.10
N PHE E 130 -3.36 -17.66 3.38
CA PHE E 130 -2.14 -18.01 4.13
C PHE E 130 -2.48 -18.95 5.27
N ASP E 131 -3.16 -20.05 4.92
CA ASP E 131 -3.44 -21.16 5.83
C ASP E 131 -2.29 -22.18 5.72
N VAL E 132 -2.53 -23.45 6.10
CA VAL E 132 -1.47 -24.47 6.22
C VAL E 132 -0.45 -24.00 7.27
N THR E 133 -0.98 -23.53 8.41
CA THR E 133 -0.17 -23.02 9.51
C THR E 133 0.23 -24.17 10.42
N SER E 134 1.29 -23.95 11.21
CA SER E 134 1.76 -24.94 12.17
C SER E 134 0.80 -25.00 13.35
N THR E 135 -0.29 -25.76 13.18
CA THR E 135 -1.35 -25.93 14.18
C THR E 135 -2.22 -24.67 14.37
N THR E 136 -1.61 -23.58 14.83
CA THR E 136 -2.33 -22.32 15.09
C THR E 136 -2.95 -21.69 13.84
N TYR E 137 -4.20 -22.06 13.57
CA TYR E 137 -5.02 -21.41 12.54
C TYR E 137 -6.49 -21.67 12.89
N ALA E 138 -7.17 -20.62 13.35
CA ALA E 138 -8.52 -20.74 13.92
C ALA E 138 -9.64 -21.07 12.94
N TYR E 139 -9.46 -20.76 11.66
CA TYR E 139 -10.49 -20.99 10.64
C TYR E 139 -10.31 -22.37 10.00
N ARG E 140 -10.39 -23.39 10.85
CA ARG E 140 -10.14 -24.77 10.45
C ARG E 140 -10.65 -25.72 11.54
N GLY E 141 -11.22 -26.84 11.11
CA GLY E 141 -11.86 -27.78 12.02
C GLY E 141 -10.91 -28.71 12.76
N GLN E 142 -11.51 -29.60 13.56
CA GLN E 142 -10.77 -30.59 14.34
C GLN E 142 -10.27 -31.76 13.47
N GLY E 143 -10.93 -31.98 12.33
CA GLY E 143 -10.45 -32.94 11.32
C GLY E 143 -10.92 -34.36 11.53
N THR E 144 -11.06 -35.09 10.43
CA THR E 144 -11.47 -36.50 10.43
C THR E 144 -10.34 -37.40 9.96
N GLN E 145 -10.09 -38.47 10.72
CA GLN E 145 -9.02 -39.43 10.41
C GLN E 145 -9.44 -40.37 9.28
N VAL E 146 -9.02 -40.04 8.06
CA VAL E 146 -9.21 -40.92 6.89
C VAL E 146 -8.03 -41.89 6.85
N THR E 147 -8.35 -43.19 6.74
CA THR E 147 -7.34 -44.26 6.77
C THR E 147 -7.53 -45.21 5.60
N VAL E 148 -6.41 -45.73 5.08
CA VAL E 148 -6.39 -46.69 3.97
C VAL E 148 -5.50 -47.87 4.36
N SER E 149 -6.06 -49.08 4.33
CA SER E 149 -5.32 -50.30 4.65
C SER E 149 -5.92 -51.55 3.99
N SER E 150 -5.09 -52.56 3.79
CA SER E 150 -5.49 -53.82 3.16
C SER E 150 -4.68 -54.99 3.71
#